data_1MMN
#
_entry.id   1MMN
#
_cell.length_a   103.900
_cell.length_b   180.100
_cell.length_c   54.100
_cell.angle_alpha   90.00
_cell.angle_beta   90.00
_cell.angle_gamma   90.00
#
_symmetry.space_group_name_H-M   'P 21 21 2'
#
loop_
_entity.id
_entity.type
_entity.pdbx_description
1 polymer MYOSIN
2 non-polymer 'MAGNESIUM ION'
3 non-polymer 'PHOSPHOAMINOPHOSPHONIC ACID-ADENYLATE ESTER'
4 water water
#
_entity_poly.entity_id   1
_entity_poly.type   'polypeptide(L)'
_entity_poly.pdbx_seq_one_letter_code
;MNPIHDRTSDYHKYLKVKQGDSDLFKLTVSDKRYIWYNPDPKERDSYECGEIVSETSDSFTFKTSDGQDRQVKKDDANQR
NPIKFDGVEDMSELSYLNEPAVFHNLRVRYNQDLIYTYSGLFLVAVNPFKRIPIYTQEMVDIFKGRRRNEVAPHIFAISD
VAYRSMLDDRQNQSLLITGESGAGKTENTKKVIQYLASVAGRNQANGSGVLEQQILQANPILEAFGNAKTTRNNNSSRFG
KFIEIQFNNAGFISGASIQSYLLEKSRVVFQSTTERNYHIFYQLLAGATAEEKKALHLAGPESFNYLNQSGCVDIKGVSD
EEEFKITRQAMDIVGFSQEEQMSIFKIIAGILHLGNIKFEKGAGEGAVLKDKTALNAASTVFGVNPSVLEKALMEPRILA
GRDLVAQHLNVEKSSSSRDALVKALYGRLFLWLVKKINNVLCSERKAYFIGVLDISGFEIFKVNSFEQLCINYTNEKLQQ
FFNHHMFKVEQEEYLKEKINWTFIDFGLDSQATIDLIDGRQPPGILALLDEQSVFPNATDNTLITKLHSHFSKKNAKYEE
PRFSKTEFGVTHYAGQVMYEIQDWLEKNKDPLQQDLELCFKDSSDNVVTKLFNDPNIASRAKKGANFITVAAQYKEQLAS
LMATLETTNPHFVRCIIPNNKQLPAKLEDKVVLDQLRCNGVLEGIRITRKGFPNRIIYADFVKRYYDLAPNVPRDAEDSQ
KATDAVLKHLNIDPEQFRFGITKIFFRAGQLARIEEARELPN
;
_entity_poly.pdbx_strand_id   A
#
loop_
_chem_comp.id
_chem_comp.type
_chem_comp.name
_chem_comp.formula
ANP non-polymer 'PHOSPHOAMINOPHOSPHONIC ACID-ADENYLATE ESTER' 'C10 H17 N6 O12 P3'
MG non-polymer 'MAGNESIUM ION' 'Mg 2'
#
# COMPACT_ATOMS: atom_id res chain seq x y z
N ASN A 2 17.45 -5.83 -30.99
CA ASN A 2 17.19 -4.97 -29.83
C ASN A 2 15.69 -4.72 -29.63
N PRO A 3 15.12 -5.47 -28.70
CA PRO A 3 13.71 -5.41 -28.34
C PRO A 3 13.14 -4.05 -28.39
N ILE A 4 13.90 -3.09 -27.84
CA ILE A 4 13.39 -1.72 -27.82
C ILE A 4 13.31 -1.23 -29.21
N HIS A 5 14.07 -1.86 -30.05
CA HIS A 5 14.03 -1.40 -31.40
C HIS A 5 13.32 -2.43 -32.27
N ASP A 6 13.31 -3.69 -31.84
CA ASP A 6 12.64 -4.75 -32.58
C ASP A 6 11.11 -4.62 -32.37
N ARG A 7 10.40 -4.01 -33.31
CA ARG A 7 8.95 -3.84 -33.21
C ARG A 7 8.14 -5.14 -33.10
N THR A 8 8.83 -6.28 -33.20
CA THR A 8 8.19 -7.61 -33.11
C THR A 8 8.42 -8.25 -31.75
N SER A 9 9.31 -7.58 -30.98
CA SER A 9 9.58 -8.11 -29.65
C SER A 9 8.31 -8.02 -28.76
N ASP A 10 8.24 -8.90 -27.77
CA ASP A 10 7.16 -8.89 -26.76
C ASP A 10 7.20 -7.61 -25.97
N TYR A 11 8.38 -6.96 -25.97
CA TYR A 11 8.62 -5.70 -25.29
C TYR A 11 7.71 -4.73 -25.96
N HIS A 12 7.72 -4.82 -27.28
CA HIS A 12 6.87 -3.95 -28.02
C HIS A 12 5.38 -4.30 -27.83
N LYS A 13 5.16 -5.58 -27.93
CA LYS A 13 3.87 -6.17 -27.82
C LYS A 13 3.16 -5.81 -26.52
N TYR A 14 3.86 -6.07 -25.45
CA TYR A 14 3.27 -5.89 -24.16
C TYR A 14 3.51 -4.63 -23.42
N LEU A 15 4.47 -3.80 -23.84
CA LEU A 15 4.82 -2.60 -23.09
C LEU A 15 4.60 -1.27 -23.78
N LYS A 16 4.36 -1.35 -25.09
CA LYS A 16 4.21 -0.13 -25.89
C LYS A 16 2.91 -0.05 -26.61
N VAL A 17 2.54 1.17 -26.98
CA VAL A 17 1.43 1.36 -27.85
C VAL A 17 2.01 0.92 -29.22
N LYS A 18 1.31 0.02 -29.96
CA LYS A 18 1.79 -0.47 -31.24
C LYS A 18 2.01 0.66 -32.23
N GLN A 19 3.21 0.65 -32.85
CA GLN A 19 3.56 1.67 -33.83
C GLN A 19 3.42 1.19 -35.31
N GLY A 20 2.73 2.04 -36.11
CA GLY A 20 2.49 1.77 -37.52
C GLY A 20 3.63 2.26 -38.37
N ASP A 21 3.37 2.53 -39.62
CA ASP A 21 4.40 3.02 -40.52
C ASP A 21 4.51 4.54 -40.53
N SER A 22 3.69 5.31 -39.76
CA SER A 22 3.82 6.78 -39.84
C SER A 22 4.02 7.59 -38.57
N ASP A 23 4.87 8.61 -38.77
CA ASP A 23 5.32 9.66 -37.84
C ASP A 23 4.39 10.85 -37.95
N LEU A 24 4.10 11.06 -39.23
CA LEU A 24 3.34 12.13 -39.84
C LEU A 24 2.14 12.66 -39.11
N PHE A 25 2.37 13.88 -38.68
CA PHE A 25 1.41 14.68 -37.96
C PHE A 25 0.02 14.55 -38.61
N LYS A 26 0.08 14.56 -39.97
CA LYS A 26 -1.04 14.47 -40.88
C LYS A 26 -2.11 13.45 -40.59
N LEU A 27 -1.72 12.21 -40.30
CA LEU A 27 -2.63 11.10 -40.05
C LEU A 27 -3.70 11.46 -39.07
N THR A 28 -3.25 12.15 -38.03
CA THR A 28 -4.10 12.54 -36.93
C THR A 28 -5.01 13.73 -37.22
N VAL A 29 -4.94 14.23 -38.42
CA VAL A 29 -5.80 15.34 -38.68
C VAL A 29 -7.31 15.05 -38.53
N SER A 30 -7.97 16.00 -37.87
CA SER A 30 -9.41 16.05 -37.61
C SER A 30 -9.91 17.50 -37.38
N ASP A 31 -11.20 17.70 -37.59
CA ASP A 31 -11.87 18.98 -37.41
C ASP A 31 -12.63 19.06 -36.07
N LYS A 32 -13.14 17.91 -35.63
CA LYS A 32 -13.88 17.74 -34.41
C LYS A 32 -13.09 18.03 -33.15
N ARG A 33 -13.78 18.67 -32.24
CA ARG A 33 -13.33 19.03 -30.93
C ARG A 33 -14.29 18.39 -29.98
N TYR A 34 -13.79 17.99 -28.86
CA TYR A 34 -14.67 17.36 -28.00
C TYR A 34 -14.46 17.82 -26.58
N ILE A 35 -15.41 17.44 -25.71
CA ILE A 35 -15.38 17.66 -24.27
C ILE A 35 -15.79 16.37 -23.61
N TRP A 36 -15.44 16.27 -22.38
CA TRP A 36 -15.86 15.14 -21.59
C TRP A 36 -17.03 15.66 -20.76
N TYR A 37 -18.20 15.01 -20.77
CA TYR A 37 -19.34 15.50 -19.95
C TYR A 37 -19.95 14.36 -19.15
N ASN A 38 -20.52 14.69 -17.98
CA ASN A 38 -21.27 13.73 -17.14
C ASN A 38 -22.67 13.70 -17.72
N PRO A 39 -23.03 12.60 -18.36
CA PRO A 39 -24.34 12.49 -18.99
C PRO A 39 -25.45 12.35 -17.93
N ASP A 40 -25.03 12.48 -16.69
CA ASP A 40 -25.87 12.31 -15.52
C ASP A 40 -25.14 13.01 -14.38
N PRO A 41 -25.53 14.24 -14.07
CA PRO A 41 -24.86 15.09 -13.12
C PRO A 41 -24.74 14.61 -11.70
N LYS A 42 -25.50 13.59 -11.38
CA LYS A 42 -25.47 12.99 -10.08
C LYS A 42 -24.20 12.09 -10.01
N GLU A 43 -24.10 11.24 -11.06
CA GLU A 43 -23.02 10.28 -11.37
C GLU A 43 -21.97 11.04 -12.17
N ARG A 44 -21.12 11.72 -11.38
CA ARG A 44 -20.10 12.63 -11.89
C ARG A 44 -18.78 12.01 -12.34
N ASP A 45 -18.63 10.69 -12.22
CA ASP A 45 -17.37 10.07 -12.62
C ASP A 45 -17.56 9.36 -13.87
N SER A 46 -18.86 9.26 -14.18
CA SER A 46 -19.21 8.67 -15.43
C SER A 46 -19.18 9.83 -16.40
N TYR A 47 -18.39 9.73 -17.44
CA TYR A 47 -18.37 10.78 -18.41
C TYR A 47 -18.60 10.22 -19.78
N GLU A 48 -19.09 11.05 -20.66
CA GLU A 48 -19.27 10.66 -22.04
C GLU A 48 -18.59 11.76 -22.87
N CYS A 49 -18.26 11.49 -24.11
CA CYS A 49 -17.56 12.48 -24.92
C CYS A 49 -18.59 13.11 -25.82
N GLY A 50 -18.60 14.41 -25.78
CA GLY A 50 -19.54 15.15 -26.58
C GLY A 50 -18.80 16.06 -27.49
N GLU A 51 -19.20 16.08 -28.75
CA GLU A 51 -18.53 16.95 -29.68
C GLU A 51 -19.09 18.34 -29.57
N ILE A 52 -18.19 19.34 -29.59
CA ILE A 52 -18.52 20.73 -29.46
C ILE A 52 -18.99 21.13 -30.84
N VAL A 53 -20.28 21.44 -30.93
CA VAL A 53 -20.96 21.82 -32.16
C VAL A 53 -20.94 23.33 -32.41
N SER A 54 -20.61 24.10 -31.35
CA SER A 54 -20.55 25.55 -31.41
C SER A 54 -20.09 26.08 -30.12
N GLU A 55 -19.74 27.38 -30.16
CA GLU A 55 -19.32 28.09 -28.97
C GLU A 55 -19.74 29.53 -28.96
N THR A 56 -19.79 30.03 -27.75
CA THR A 56 -20.04 31.43 -27.47
C THR A 56 -18.68 31.87 -26.95
N SER A 57 -18.55 33.14 -26.63
CA SER A 57 -17.30 33.72 -26.16
C SER A 57 -16.90 33.22 -24.77
N ASP A 58 -17.96 32.71 -24.09
CA ASP A 58 -18.05 32.24 -22.70
C ASP A 58 -18.42 30.77 -22.46
N SER A 59 -18.98 30.08 -23.46
CA SER A 59 -19.42 28.71 -23.24
C SER A 59 -19.25 27.87 -24.48
N PHE A 60 -19.64 26.62 -24.38
CA PHE A 60 -19.60 25.79 -25.56
C PHE A 60 -20.93 25.10 -25.70
N THR A 61 -21.24 24.71 -26.89
CA THR A 61 -22.45 23.99 -27.07
C THR A 61 -22.03 22.73 -27.78
N PHE A 62 -22.39 21.60 -27.19
CA PHE A 62 -22.03 20.29 -27.71
C PHE A 62 -23.17 19.29 -27.81
N LYS A 63 -22.98 18.30 -28.62
CA LYS A 63 -24.03 17.35 -28.71
C LYS A 63 -23.62 16.14 -27.94
N THR A 64 -24.57 15.61 -27.20
CA THR A 64 -24.33 14.40 -26.44
C THR A 64 -24.33 13.16 -27.34
N SER A 65 -24.13 12.00 -26.70
CA SER A 65 -24.14 10.74 -27.44
C SER A 65 -25.45 10.68 -28.21
N ASP A 66 -26.53 10.81 -27.45
CA ASP A 66 -27.93 10.75 -27.90
C ASP A 66 -28.33 11.77 -28.94
N GLY A 67 -27.50 12.78 -29.09
CA GLY A 67 -27.78 13.82 -30.03
C GLY A 67 -28.39 14.99 -29.29
N GLN A 68 -28.22 14.96 -27.96
CA GLN A 68 -28.74 16.01 -27.07
C GLN A 68 -27.76 17.16 -26.90
N ASP A 69 -28.14 18.32 -27.43
CA ASP A 69 -27.26 19.46 -27.28
C ASP A 69 -27.47 19.99 -25.89
N ARG A 70 -26.33 20.40 -25.31
CA ARG A 70 -26.13 20.98 -23.97
C ARG A 70 -25.10 22.08 -24.12
N GLN A 71 -24.94 22.86 -23.07
CA GLN A 71 -23.99 23.93 -23.10
C GLN A 71 -23.24 23.95 -21.83
N VAL A 72 -22.07 24.55 -21.88
CA VAL A 72 -21.21 24.62 -20.75
C VAL A 72 -20.41 25.86 -20.83
N LYS A 73 -19.94 26.24 -19.68
CA LYS A 73 -19.10 27.38 -19.62
C LYS A 73 -17.76 26.80 -19.93
N LYS A 74 -17.02 27.57 -20.71
CA LYS A 74 -15.71 27.23 -21.14
C LYS A 74 -14.87 27.04 -19.90
N ASP A 75 -15.29 27.72 -18.85
CA ASP A 75 -14.52 27.60 -17.65
C ASP A 75 -14.77 26.34 -16.84
N ASP A 76 -15.93 25.77 -17.09
CA ASP A 76 -16.27 24.55 -16.42
C ASP A 76 -16.01 23.37 -17.34
N ALA A 77 -15.50 23.64 -18.54
CA ALA A 77 -15.31 22.60 -19.50
C ALA A 77 -14.12 21.72 -19.28
N ASN A 78 -14.38 20.48 -19.67
CA ASN A 78 -13.44 19.37 -19.65
C ASN A 78 -13.14 18.96 -21.05
N GLN A 79 -12.30 19.79 -21.62
CA GLN A 79 -11.80 19.64 -22.96
C GLN A 79 -11.07 18.30 -23.19
N ARG A 80 -11.36 17.70 -24.33
CA ARG A 80 -10.75 16.45 -24.59
C ARG A 80 -9.45 16.68 -25.35
N ASN A 81 -8.41 15.98 -24.93
CA ASN A 81 -7.16 16.09 -25.65
C ASN A 81 -7.29 15.44 -27.03
N PRO A 82 -6.51 16.01 -27.94
CA PRO A 82 -6.41 15.44 -29.26
C PRO A 82 -5.91 14.01 -29.17
N ILE A 83 -6.49 13.17 -30.02
CA ILE A 83 -6.22 11.75 -30.16
C ILE A 83 -4.73 11.38 -30.19
N LYS A 84 -3.85 12.25 -30.70
CA LYS A 84 -2.42 11.97 -30.66
C LYS A 84 -2.02 11.75 -29.19
N PHE A 85 -2.67 12.42 -28.26
CA PHE A 85 -2.24 12.24 -26.88
C PHE A 85 -2.77 10.96 -26.29
N ASP A 86 -3.69 10.28 -27.00
CA ASP A 86 -4.24 9.05 -26.44
C ASP A 86 -3.29 7.90 -26.31
N GLY A 87 -2.84 7.65 -25.08
CA GLY A 87 -1.90 6.55 -24.87
C GLY A 87 -0.54 7.02 -24.44
N VAL A 88 -0.32 8.35 -24.31
CA VAL A 88 1.00 8.80 -23.85
C VAL A 88 1.46 8.09 -22.56
N GLU A 89 2.78 7.93 -22.45
CA GLU A 89 3.39 7.23 -21.36
C GLU A 89 3.46 8.01 -20.04
N ASP A 90 3.27 9.34 -20.12
CA ASP A 90 3.29 10.19 -18.91
C ASP A 90 2.11 11.13 -18.92
N MET A 91 1.27 11.14 -17.87
CA MET A 91 0.14 12.11 -17.96
C MET A 91 0.62 13.57 -18.03
N SER A 92 1.90 13.80 -17.74
CA SER A 92 2.50 15.12 -17.78
C SER A 92 2.58 15.71 -19.19
N GLU A 93 2.35 14.80 -20.13
CA GLU A 93 2.34 15.10 -21.53
C GLU A 93 0.95 15.57 -22.04
N LEU A 94 -0.11 15.39 -21.26
CA LEU A 94 -1.43 15.84 -21.69
C LEU A 94 -1.46 17.34 -21.58
N SER A 95 -2.15 17.95 -22.53
CA SER A 95 -2.29 19.38 -22.57
C SER A 95 -3.44 19.85 -21.67
N TYR A 96 -4.59 19.20 -21.82
CA TYR A 96 -5.81 19.37 -21.00
C TYR A 96 -5.69 18.30 -19.93
N LEU A 97 -5.59 18.80 -18.71
CA LEU A 97 -5.32 17.99 -17.56
C LEU A 97 -6.44 17.98 -16.56
N ASN A 98 -7.56 17.51 -17.03
CA ASN A 98 -8.78 17.42 -16.25
C ASN A 98 -8.94 15.98 -15.84
N GLU A 99 -9.76 15.72 -14.85
CA GLU A 99 -9.92 14.37 -14.36
C GLU A 99 -10.38 13.39 -15.43
N PRO A 100 -11.46 13.71 -16.20
CA PRO A 100 -11.94 12.76 -17.20
C PRO A 100 -10.82 12.44 -18.24
N ALA A 101 -10.01 13.48 -18.54
CA ALA A 101 -8.89 13.41 -19.46
C ALA A 101 -7.85 12.40 -18.97
N VAL A 102 -7.50 12.54 -17.69
CA VAL A 102 -6.54 11.68 -17.01
C VAL A 102 -7.03 10.24 -17.01
N PHE A 103 -8.29 10.01 -16.65
CA PHE A 103 -8.82 8.63 -16.63
C PHE A 103 -8.85 8.02 -18.03
N HIS A 104 -9.19 8.90 -18.97
CA HIS A 104 -9.22 8.41 -20.34
C HIS A 104 -7.84 7.91 -20.80
N ASN A 105 -6.78 8.61 -20.45
CA ASN A 105 -5.48 8.19 -20.91
C ASN A 105 -5.13 6.92 -20.21
N LEU A 106 -5.49 6.89 -18.97
CA LEU A 106 -5.23 5.66 -18.26
C LEU A 106 -5.93 4.43 -18.86
N ARG A 107 -7.18 4.69 -19.23
CA ARG A 107 -8.11 3.72 -19.80
C ARG A 107 -7.69 3.22 -21.20
N VAL A 108 -7.34 4.18 -22.06
CA VAL A 108 -6.80 3.86 -23.38
C VAL A 108 -5.66 2.86 -23.22
N ARG A 109 -4.74 3.15 -22.27
CA ARG A 109 -3.62 2.25 -21.96
C ARG A 109 -4.06 0.87 -21.43
N TYR A 110 -4.99 0.87 -20.48
CA TYR A 110 -5.39 -0.36 -19.86
C TYR A 110 -6.06 -1.32 -20.90
N ASN A 111 -6.73 -0.69 -21.86
CA ASN A 111 -7.42 -1.38 -22.95
C ASN A 111 -6.43 -2.10 -23.88
N GLN A 112 -5.15 -1.75 -23.80
CA GLN A 112 -4.11 -2.40 -24.59
C GLN A 112 -3.24 -3.17 -23.66
N ASP A 113 -3.75 -3.34 -22.44
CA ASP A 113 -3.03 -4.05 -21.40
C ASP A 113 -1.76 -3.35 -20.98
N LEU A 114 -1.76 -2.02 -21.06
CA LEU A 114 -0.60 -1.28 -20.59
C LEU A 114 -0.97 -0.79 -19.21
N ILE A 115 -0.62 -1.56 -18.20
CA ILE A 115 -0.94 -1.30 -16.79
C ILE A 115 -0.06 -0.25 -16.12
N TYR A 116 1.08 0.11 -16.72
CA TYR A 116 1.94 1.13 -16.10
C TYR A 116 1.91 2.42 -16.85
N THR A 117 1.75 3.54 -16.13
CA THR A 117 1.74 4.88 -16.72
C THR A 117 2.36 5.87 -15.71
N TYR A 118 3.18 6.86 -16.14
CA TYR A 118 3.67 7.83 -15.20
C TYR A 118 2.72 8.98 -15.15
N SER A 119 2.80 9.67 -14.04
CA SER A 119 2.03 10.88 -13.89
C SER A 119 3.04 11.80 -13.25
N GLY A 120 3.89 12.53 -13.99
CA GLY A 120 4.93 13.31 -13.28
C GLY A 120 5.84 12.37 -12.50
N LEU A 121 5.94 12.66 -11.18
CA LEU A 121 6.72 11.84 -10.28
C LEU A 121 6.21 10.46 -10.02
N PHE A 122 4.93 10.22 -10.22
CA PHE A 122 4.44 8.89 -9.97
C PHE A 122 4.41 7.94 -11.19
N LEU A 123 4.50 6.70 -10.77
CA LEU A 123 4.29 5.53 -11.58
C LEU A 123 2.94 5.00 -11.09
N VAL A 124 1.96 5.10 -11.97
CA VAL A 124 0.67 4.55 -11.70
C VAL A 124 0.63 3.08 -12.24
N ALA A 125 0.19 2.16 -11.42
CA ALA A 125 0.11 0.79 -11.81
C ALA A 125 -1.31 0.26 -11.62
N VAL A 126 -2.03 -0.05 -12.68
CA VAL A 126 -3.40 -0.62 -12.48
C VAL A 126 -3.41 -2.14 -12.53
N ASN A 127 -3.97 -2.81 -11.50
CA ASN A 127 -4.01 -4.26 -11.51
C ASN A 127 -4.70 -4.76 -12.75
N PRO A 128 -4.02 -5.65 -13.47
CA PRO A 128 -4.61 -6.27 -14.65
C PRO A 128 -5.60 -7.41 -14.33
N PHE A 129 -5.42 -8.06 -13.18
CA PHE A 129 -6.21 -9.19 -12.77
C PHE A 129 -6.12 -10.30 -13.76
N LYS A 130 -4.95 -10.37 -14.39
CA LYS A 130 -4.58 -11.45 -15.31
C LYS A 130 -3.11 -11.37 -15.58
N ARG A 131 -2.58 -12.46 -16.04
CA ARG A 131 -1.18 -12.48 -16.32
C ARG A 131 -0.77 -11.81 -17.63
N ILE A 132 0.31 -11.04 -17.52
CA ILE A 132 1.01 -10.26 -18.57
C ILE A 132 2.45 -10.59 -18.37
N PRO A 133 3.06 -11.23 -19.37
CA PRO A 133 4.43 -11.73 -19.24
C PRO A 133 5.52 -10.67 -19.46
N ILE A 134 5.59 -9.66 -18.57
CA ILE A 134 6.56 -8.62 -18.71
C ILE A 134 7.55 -8.61 -17.54
N TYR A 135 7.65 -9.70 -16.85
CA TYR A 135 8.49 -9.81 -15.69
C TYR A 135 9.51 -10.92 -15.89
N THR A 136 9.82 -11.25 -17.14
CA THR A 136 10.81 -12.29 -17.41
C THR A 136 12.22 -11.78 -17.20
N GLN A 137 13.16 -12.71 -17.22
CA GLN A 137 14.55 -12.34 -17.15
C GLN A 137 14.95 -11.49 -18.34
N GLU A 138 14.43 -11.88 -19.50
CA GLU A 138 14.67 -11.12 -20.70
C GLU A 138 14.07 -9.76 -20.55
N MET A 139 12.94 -9.69 -19.79
CA MET A 139 12.29 -8.40 -19.54
C MET A 139 13.19 -7.57 -18.60
N VAL A 140 13.74 -8.25 -17.60
CA VAL A 140 14.69 -7.63 -16.71
C VAL A 140 15.84 -6.99 -17.49
N ASP A 141 16.51 -7.83 -18.28
CA ASP A 141 17.67 -7.48 -19.11
C ASP A 141 17.53 -6.22 -19.88
N ILE A 142 16.33 -6.00 -20.36
CA ILE A 142 16.04 -4.79 -21.14
C ILE A 142 16.06 -3.45 -20.36
N PHE A 143 15.65 -3.45 -19.07
CA PHE A 143 15.61 -2.19 -18.32
C PHE A 143 16.98 -1.74 -17.82
N LYS A 144 17.97 -2.62 -17.95
CA LYS A 144 19.32 -2.32 -17.45
C LYS A 144 19.94 -1.05 -17.98
N GLY A 145 20.18 -0.12 -17.05
CA GLY A 145 20.76 1.17 -17.30
C GLY A 145 19.95 2.07 -18.16
N ARG A 146 18.68 1.76 -18.39
CA ARG A 146 17.92 2.69 -19.24
C ARG A 146 17.28 3.84 -18.48
N ARG A 147 17.32 5.05 -19.06
CA ARG A 147 16.67 6.21 -18.48
C ARG A 147 15.13 6.07 -18.62
N ARG A 148 14.47 6.69 -17.68
CA ARG A 148 13.03 6.74 -17.59
C ARG A 148 12.43 6.94 -18.97
N ASN A 149 13.01 7.91 -19.62
CA ASN A 149 12.64 8.38 -20.94
C ASN A 149 13.06 7.43 -22.04
N GLU A 150 13.95 6.49 -21.73
CA GLU A 150 14.33 5.66 -22.84
C GLU A 150 13.43 4.46 -22.95
N VAL A 151 12.85 4.10 -21.83
CA VAL A 151 12.01 2.92 -21.89
C VAL A 151 10.58 3.20 -21.55
N ALA A 152 9.73 2.18 -21.79
CA ALA A 152 8.32 2.15 -21.49
C ALA A 152 8.16 2.21 -19.94
N PRO A 153 6.98 2.65 -19.45
CA PRO A 153 6.76 2.64 -18.00
C PRO A 153 6.75 1.17 -17.51
N HIS A 154 7.36 0.88 -16.39
CA HIS A 154 7.39 -0.44 -15.83
C HIS A 154 7.90 -0.25 -14.42
N ILE A 155 7.59 -1.17 -13.48
CA ILE A 155 8.14 -1.18 -12.16
C ILE A 155 9.69 -1.33 -12.20
N PHE A 156 10.16 -2.13 -13.14
CA PHE A 156 11.58 -2.38 -13.38
C PHE A 156 12.23 -1.08 -13.76
N ALA A 157 11.55 -0.26 -14.49
CA ALA A 157 12.11 1.00 -14.86
C ALA A 157 12.44 1.91 -13.66
N ILE A 158 11.48 2.14 -12.77
CA ILE A 158 11.75 2.97 -11.56
C ILE A 158 12.83 2.32 -10.64
N SER A 159 12.80 0.96 -10.52
CA SER A 159 13.80 0.24 -9.79
C SER A 159 15.21 0.48 -10.40
N ASP A 160 15.30 0.55 -11.74
CA ASP A 160 16.55 0.81 -12.41
C ASP A 160 17.01 2.22 -12.05
N VAL A 161 16.14 3.18 -12.21
CA VAL A 161 16.44 4.56 -11.86
C VAL A 161 16.85 4.66 -10.37
N ALA A 162 16.16 3.96 -9.45
CA ALA A 162 16.61 4.09 -8.08
C ALA A 162 18.05 3.59 -7.91
N TYR A 163 18.36 2.47 -8.53
CA TYR A 163 19.66 1.83 -8.47
C TYR A 163 20.80 2.68 -9.08
N ARG A 164 20.55 3.29 -10.21
CA ARG A 164 21.54 4.14 -10.82
C ARG A 164 21.80 5.38 -10.00
N SER A 165 20.73 5.91 -9.42
CA SER A 165 20.79 7.11 -8.62
C SER A 165 21.55 6.80 -7.39
N MET A 166 21.38 5.61 -6.96
CA MET A 166 22.05 5.26 -5.74
C MET A 166 23.58 5.31 -5.98
N LEU A 167 23.99 4.66 -7.06
CA LEU A 167 25.39 4.51 -7.49
C LEU A 167 26.03 5.81 -7.88
N ASP A 168 25.21 6.63 -8.52
CA ASP A 168 25.59 7.90 -9.00
C ASP A 168 25.56 9.00 -7.99
N ASP A 169 24.62 9.02 -7.08
CA ASP A 169 24.57 10.13 -6.18
C ASP A 169 25.15 9.79 -4.86
N ARG A 170 25.38 8.53 -4.73
CA ARG A 170 25.93 8.07 -3.46
C ARG A 170 24.96 8.43 -2.36
N GLN A 171 23.71 8.21 -2.71
CA GLN A 171 22.54 8.50 -1.87
C GLN A 171 21.59 7.33 -1.71
N ASN A 172 21.08 7.07 -0.49
CA ASN A 172 20.08 6.01 -0.27
C ASN A 172 18.74 6.34 -1.00
N GLN A 173 18.01 5.27 -1.31
CA GLN A 173 16.80 5.45 -2.05
C GLN A 173 15.60 4.82 -1.35
N SER A 174 14.39 5.27 -1.74
CA SER A 174 13.18 4.63 -1.25
C SER A 174 12.13 4.52 -2.34
N LEU A 175 11.37 3.40 -2.30
CA LEU A 175 10.24 3.13 -3.21
C LEU A 175 9.02 2.93 -2.34
N LEU A 176 8.10 3.83 -2.48
CA LEU A 176 6.94 3.74 -1.63
C LEU A 176 5.82 3.23 -2.50
N ILE A 177 5.36 2.01 -2.15
CA ILE A 177 4.27 1.32 -2.92
C ILE A 177 3.00 1.23 -2.10
N THR A 178 2.04 2.09 -2.40
CA THR A 178 0.83 2.13 -1.60
C THR A 178 -0.43 2.03 -2.49
N GLY A 179 -1.57 1.81 -1.82
CA GLY A 179 -2.84 1.71 -2.45
C GLY A 179 -3.71 0.71 -1.72
N GLU A 180 -4.94 0.56 -2.27
CA GLU A 180 -5.94 -0.36 -1.71
C GLU A 180 -5.55 -1.83 -1.70
N SER A 181 -6.27 -2.57 -0.84
CA SER A 181 -6.15 -3.99 -0.72
C SER A 181 -6.49 -4.59 -2.10
N GLY A 182 -5.58 -5.43 -2.59
CA GLY A 182 -5.80 -6.04 -3.88
C GLY A 182 -5.32 -5.16 -5.04
N ALA A 183 -4.80 -3.96 -4.74
CA ALA A 183 -4.33 -3.09 -5.82
C ALA A 183 -3.04 -3.66 -6.51
N GLY A 184 -2.25 -4.53 -5.83
CA GLY A 184 -1.03 -5.17 -6.38
C GLY A 184 0.27 -4.64 -5.81
N LYS A 185 0.26 -4.11 -4.59
CA LYS A 185 1.44 -3.53 -3.93
C LYS A 185 2.50 -4.56 -3.73
N THR A 186 2.02 -5.69 -3.26
CA THR A 186 2.86 -6.83 -2.98
C THR A 186 3.49 -7.41 -4.23
N GLU A 187 2.66 -7.58 -5.22
CA GLU A 187 3.18 -8.09 -6.47
C GLU A 187 4.31 -7.17 -6.97
N ASN A 188 4.09 -5.86 -7.02
CA ASN A 188 5.12 -4.96 -7.46
C ASN A 188 6.33 -4.93 -6.57
N THR A 189 6.06 -5.12 -5.31
CA THR A 189 7.13 -5.12 -4.37
C THR A 189 8.08 -6.27 -4.67
N LYS A 190 7.49 -7.44 -4.92
CA LYS A 190 8.26 -8.61 -5.20
C LYS A 190 9.08 -8.42 -6.50
N LYS A 191 8.56 -7.66 -7.43
CA LYS A 191 9.23 -7.39 -8.69
C LYS A 191 10.41 -6.45 -8.49
N VAL A 192 10.27 -5.52 -7.59
CA VAL A 192 11.36 -4.61 -7.37
C VAL A 192 12.56 -5.38 -6.81
N ILE A 193 12.26 -6.24 -5.86
CA ILE A 193 13.29 -7.04 -5.30
C ILE A 193 13.92 -7.99 -6.32
N GLN A 194 13.09 -8.53 -7.17
CA GLN A 194 13.56 -9.47 -8.09
C GLN A 194 14.50 -8.78 -9.00
N TYR A 195 14.08 -7.60 -9.37
CA TYR A 195 14.92 -6.88 -10.28
C TYR A 195 16.29 -6.54 -9.69
N LEU A 196 16.26 -6.03 -8.47
CA LEU A 196 17.48 -5.62 -7.83
C LEU A 196 18.38 -6.80 -7.64
N ALA A 197 17.75 -7.91 -7.23
CA ALA A 197 18.53 -9.11 -7.04
C ALA A 197 19.27 -9.46 -8.32
N SER A 198 18.67 -9.18 -9.44
CA SER A 198 19.32 -9.49 -10.68
C SER A 198 20.36 -8.43 -11.07
N VAL A 199 20.00 -7.14 -11.11
CA VAL A 199 21.03 -6.18 -11.50
C VAL A 199 22.25 -6.10 -10.60
N ALA A 200 22.05 -6.37 -9.33
CA ALA A 200 23.07 -6.17 -8.36
C ALA A 200 23.55 -7.38 -7.66
N GLY A 201 23.07 -8.53 -8.07
CA GLY A 201 23.49 -9.73 -7.37
C GLY A 201 24.87 -10.16 -7.86
N GLY A 209 22.21 -17.61 -6.15
CA GLY A 209 22.85 -16.68 -5.22
C GLY A 209 22.46 -16.96 -3.76
N VAL A 210 23.46 -17.26 -2.95
CA VAL A 210 23.22 -17.62 -1.56
C VAL A 210 22.41 -16.63 -0.70
N LEU A 211 22.87 -15.36 -0.52
CA LEU A 211 22.19 -14.32 0.21
C LEU A 211 20.90 -14.01 -0.52
N GLU A 212 21.08 -13.74 -1.84
CA GLU A 212 19.95 -13.49 -2.73
C GLU A 212 18.84 -14.49 -2.53
N GLN A 213 19.26 -15.73 -2.47
CA GLN A 213 18.31 -16.75 -2.26
C GLN A 213 17.57 -16.54 -0.97
N GLN A 214 18.35 -16.32 0.07
CA GLN A 214 17.76 -16.19 1.40
C GLN A 214 16.90 -14.98 1.46
N ILE A 215 17.33 -14.00 0.74
CA ILE A 215 16.59 -12.80 0.73
C ILE A 215 15.26 -13.05 0.07
N LEU A 216 15.34 -13.71 -1.07
CA LEU A 216 14.14 -13.99 -1.80
C LEU A 216 13.26 -14.88 -1.00
N GLN A 217 13.89 -15.82 -0.41
CA GLN A 217 13.21 -16.80 0.35
C GLN A 217 12.56 -16.26 1.60
N ALA A 218 12.88 -15.07 1.97
CA ALA A 218 12.32 -14.63 3.23
C ALA A 218 10.87 -14.29 3.11
N ASN A 219 10.53 -13.88 1.93
CA ASN A 219 9.21 -13.43 1.63
C ASN A 219 8.09 -14.42 2.00
N PRO A 220 8.15 -15.56 1.34
CA PRO A 220 7.27 -16.72 1.46
C PRO A 220 7.10 -17.15 2.89
N ILE A 221 8.16 -16.98 3.64
CA ILE A 221 8.08 -17.31 5.01
C ILE A 221 7.12 -16.30 5.64
N LEU A 222 7.25 -15.02 5.33
CA LEU A 222 6.42 -14.02 5.89
C LEU A 222 4.96 -14.03 5.41
N GLU A 223 4.76 -14.44 4.19
CA GLU A 223 3.45 -14.48 3.64
C GLU A 223 2.67 -15.62 4.16
N ALA A 224 3.37 -16.63 4.61
CA ALA A 224 2.62 -17.76 5.13
C ALA A 224 2.00 -17.40 6.46
N PHE A 225 2.79 -16.70 7.25
CA PHE A 225 2.36 -16.35 8.53
C PHE A 225 1.60 -15.02 8.60
N GLY A 226 1.80 -14.14 7.61
CA GLY A 226 1.15 -12.85 7.65
C GLY A 226 0.21 -12.55 6.55
N ASN A 227 -0.10 -13.53 5.71
CA ASN A 227 -1.02 -13.21 4.65
C ASN A 227 -2.20 -14.24 4.79
N ALA A 228 -3.38 -13.81 4.29
CA ALA A 228 -4.60 -14.54 4.37
C ALA A 228 -5.51 -14.16 3.24
N LYS A 229 -6.47 -15.06 2.99
CA LYS A 229 -7.50 -14.81 2.02
C LYS A 229 -8.58 -13.92 2.62
N THR A 230 -8.83 -12.78 2.02
CA THR A 230 -9.86 -11.91 2.46
C THR A 230 -10.89 -11.80 1.31
N THR A 231 -11.94 -10.97 1.43
CA THR A 231 -12.89 -10.83 0.34
C THR A 231 -12.35 -9.94 -0.78
N ARG A 232 -11.29 -9.17 -0.51
CA ARG A 232 -10.68 -8.26 -1.47
C ARG A 232 -9.46 -8.88 -2.20
N ASN A 233 -8.88 -9.99 -1.66
CA ASN A 233 -7.71 -10.55 -2.24
C ASN A 233 -7.48 -11.92 -1.64
N ASN A 234 -7.07 -12.87 -2.48
CA ASN A 234 -6.76 -14.23 -2.01
C ASN A 234 -5.46 -14.36 -1.23
N ASN A 235 -4.60 -13.37 -1.35
CA ASN A 235 -3.32 -13.42 -0.67
C ASN A 235 -2.98 -12.08 -0.01
N SER A 236 -3.91 -11.60 0.77
CA SER A 236 -3.79 -10.30 1.37
C SER A 236 -2.73 -10.19 2.43
N SER A 237 -2.00 -9.08 2.38
CA SER A 237 -1.02 -8.79 3.42
C SER A 237 -1.74 -8.11 4.59
N ARG A 238 -1.70 -8.78 5.73
CA ARG A 238 -2.27 -8.38 7.01
C ARG A 238 -1.22 -7.70 7.91
N PHE A 239 -0.23 -7.15 7.29
CA PHE A 239 0.80 -6.43 7.97
C PHE A 239 1.43 -5.52 6.94
N GLY A 240 1.98 -4.42 7.42
CA GLY A 240 2.69 -3.54 6.54
C GLY A 240 4.19 -3.85 6.72
N LYS A 241 4.97 -3.50 5.69
CA LYS A 241 6.43 -3.75 5.67
C LYS A 241 7.24 -2.69 4.95
N PHE A 242 8.45 -2.61 5.52
CA PHE A 242 9.55 -1.82 5.02
C PHE A 242 10.75 -2.73 4.81
N ILE A 243 11.09 -2.92 3.51
CA ILE A 243 12.24 -3.77 3.19
C ILE A 243 13.47 -2.95 2.84
N GLU A 244 14.54 -3.20 3.60
CA GLU A 244 15.75 -2.50 3.30
C GLU A 244 16.70 -3.44 2.53
N ILE A 245 16.92 -3.14 1.27
CA ILE A 245 17.84 -3.92 0.48
C ILE A 245 19.19 -3.20 0.56
N GLN A 246 20.17 -3.88 1.19
CA GLN A 246 21.53 -3.33 1.47
C GLN A 246 22.56 -3.64 0.36
N PHE A 247 23.42 -2.65 0.06
CA PHE A 247 24.47 -2.78 -0.96
C PHE A 247 25.84 -2.33 -0.49
N ASN A 248 26.91 -2.90 -1.03
CA ASN A 248 28.23 -2.39 -0.63
C ASN A 248 28.60 -1.24 -1.54
N ASN A 249 29.71 -0.54 -1.33
CA ASN A 249 29.96 0.64 -2.18
C ASN A 249 30.13 0.32 -3.64
N ALA A 250 30.34 -0.97 -3.92
CA ALA A 250 30.52 -1.39 -5.30
C ALA A 250 29.17 -1.58 -6.00
N GLY A 251 28.07 -1.52 -5.24
CA GLY A 251 26.76 -1.64 -5.88
C GLY A 251 26.26 -3.07 -5.84
N PHE A 252 26.88 -3.95 -5.04
CA PHE A 252 26.33 -5.29 -4.92
C PHE A 252 25.61 -5.41 -3.62
N ILE A 253 24.55 -6.23 -3.66
CA ILE A 253 23.71 -6.54 -2.51
C ILE A 253 24.52 -7.09 -1.38
N SER A 254 24.45 -6.48 -0.23
CA SER A 254 25.22 -6.91 0.89
C SER A 254 24.35 -7.49 1.96
N GLY A 255 23.08 -7.18 1.92
CA GLY A 255 22.23 -7.74 2.97
C GLY A 255 20.81 -7.23 2.79
N ALA A 256 20.08 -7.37 3.89
CA ALA A 256 18.73 -6.89 3.99
C ALA A 256 18.22 -6.90 5.42
N SER A 257 17.21 -6.03 5.57
CA SER A 257 16.45 -5.87 6.81
C SER A 257 14.97 -5.64 6.53
N ILE A 258 14.15 -6.24 7.40
CA ILE A 258 12.70 -6.09 7.35
C ILE A 258 12.12 -5.56 8.64
N GLN A 259 11.29 -4.54 8.43
CA GLN A 259 10.49 -3.96 9.48
C GLN A 259 9.01 -4.27 9.13
N SER A 260 8.28 -4.94 10.05
CA SER A 260 6.84 -5.23 9.93
C SER A 260 5.98 -4.31 10.80
N TYR A 261 4.74 -4.05 10.39
CA TYR A 261 3.86 -3.20 11.21
C TYR A 261 2.42 -3.65 11.18
N LEU A 262 1.72 -3.29 12.21
CA LEU A 262 0.28 -3.52 12.29
C LEU A 262 -0.19 -4.89 11.93
N LEU A 263 0.41 -5.92 12.43
CA LEU A 263 -0.06 -7.23 12.07
C LEU A 263 -1.50 -7.44 12.61
N GLU A 264 -2.45 -7.96 11.80
CA GLU A 264 -3.84 -8.20 12.22
C GLU A 264 -4.05 -9.49 13.04
N LYS A 265 -3.70 -9.40 14.32
CA LYS A 265 -3.74 -10.54 15.19
C LYS A 265 -5.12 -11.05 15.41
N SER A 266 -6.04 -10.14 15.33
CA SER A 266 -7.39 -10.53 15.55
C SER A 266 -7.86 -11.65 14.60
N ARG A 267 -7.25 -11.70 13.40
CA ARG A 267 -7.66 -12.67 12.42
C ARG A 267 -7.40 -14.05 12.90
N VAL A 268 -6.51 -14.12 13.86
CA VAL A 268 -6.19 -15.45 14.34
C VAL A 268 -7.39 -16.18 14.98
N VAL A 269 -8.19 -15.45 15.74
CA VAL A 269 -9.32 -15.93 16.53
C VAL A 269 -10.64 -15.73 15.81
N PHE A 270 -10.62 -14.91 14.78
CA PHE A 270 -11.84 -14.63 14.08
C PHE A 270 -11.69 -14.24 12.63
N GLN A 271 -12.57 -14.77 11.81
CA GLN A 271 -12.59 -14.39 10.43
C GLN A 271 -14.04 -14.27 9.91
N SER A 272 -14.27 -13.19 9.16
CA SER A 272 -15.49 -12.85 8.45
C SER A 272 -15.77 -13.95 7.42
N THR A 273 -17.05 -14.08 7.06
CA THR A 273 -17.49 -15.11 6.12
C THR A 273 -16.85 -15.03 4.74
N THR A 274 -16.37 -16.22 4.37
CA THR A 274 -15.72 -16.48 3.09
C THR A 274 -14.21 -16.21 3.16
N GLU A 275 -13.77 -15.65 4.27
CA GLU A 275 -12.34 -15.33 4.48
C GLU A 275 -11.64 -16.51 5.08
N ARG A 276 -10.32 -16.41 5.16
CA ARG A 276 -9.60 -17.50 5.81
C ARG A 276 -8.77 -16.86 6.93
N ASN A 277 -8.18 -17.71 7.75
CA ASN A 277 -7.19 -17.39 8.76
C ASN A 277 -5.83 -17.27 8.02
N TYR A 278 -4.70 -16.97 8.67
CA TYR A 278 -3.42 -16.90 7.97
C TYR A 278 -3.15 -18.22 7.21
N HIS A 279 -2.46 -18.15 6.09
CA HIS A 279 -2.16 -19.35 5.29
C HIS A 279 -1.57 -20.54 5.98
N ILE A 280 -0.63 -20.25 6.88
CA ILE A 280 0.12 -21.25 7.58
C ILE A 280 -0.73 -22.31 8.26
N PHE A 281 -1.87 -21.89 8.76
CA PHE A 281 -2.72 -22.83 9.47
C PHE A 281 -3.12 -23.98 8.58
N TYR A 282 -3.49 -23.63 7.37
CA TYR A 282 -3.92 -24.61 6.40
C TYR A 282 -2.81 -25.37 5.79
N GLN A 283 -1.69 -24.73 5.57
CA GLN A 283 -0.57 -25.41 5.02
C GLN A 283 -0.11 -26.49 6.02
N LEU A 284 -0.10 -26.12 7.27
CA LEU A 284 0.33 -27.11 8.25
C LEU A 284 -0.57 -28.34 8.28
N LEU A 285 -1.86 -28.10 8.50
CA LEU A 285 -2.89 -29.10 8.54
C LEU A 285 -2.92 -29.95 7.26
N ALA A 286 -2.53 -29.35 6.12
CA ALA A 286 -2.51 -30.02 4.81
C ALA A 286 -1.23 -30.75 4.49
N GLY A 287 -0.11 -30.06 4.67
CA GLY A 287 1.19 -30.61 4.35
C GLY A 287 1.93 -31.36 5.44
N ALA A 288 1.37 -31.40 6.67
CA ALA A 288 2.02 -32.09 7.83
C ALA A 288 2.00 -33.62 7.60
N THR A 289 3.12 -34.30 7.86
CA THR A 289 3.15 -35.75 7.64
C THR A 289 2.04 -36.46 8.42
N ALA A 290 1.63 -37.64 7.99
CA ALA A 290 0.57 -38.28 8.76
C ALA A 290 1.08 -38.53 10.17
N GLU A 291 2.42 -38.57 10.28
CA GLU A 291 3.17 -38.81 11.52
C GLU A 291 3.57 -37.54 12.30
N GLU A 292 3.25 -36.40 11.74
CA GLU A 292 3.56 -35.15 12.37
C GLU A 292 2.30 -34.69 13.09
N LYS A 293 1.17 -35.10 12.47
CA LYS A 293 -0.17 -34.77 12.87
C LYS A 293 -0.48 -35.33 14.23
N LYS A 294 -0.15 -36.61 14.33
CA LYS A 294 -0.29 -37.39 15.54
C LYS A 294 0.43 -36.72 16.70
N ALA A 295 1.73 -36.50 16.49
CA ALA A 295 2.58 -35.88 17.47
C ALA A 295 2.01 -34.52 17.87
N LEU A 296 1.21 -33.96 16.93
CA LEU A 296 0.61 -32.64 17.06
C LEU A 296 -0.87 -32.58 17.42
N HIS A 297 -1.51 -33.73 17.38
CA HIS A 297 -2.89 -33.80 17.73
C HIS A 297 -3.77 -33.05 16.80
N LEU A 298 -3.46 -33.16 15.50
CA LEU A 298 -4.24 -32.43 14.51
C LEU A 298 -5.23 -33.23 13.69
N ALA A 299 -6.28 -32.52 13.29
CA ALA A 299 -7.38 -33.01 12.47
C ALA A 299 -7.55 -32.06 11.27
N GLY A 300 -8.72 -32.05 10.68
CA GLY A 300 -8.96 -31.18 9.60
C GLY A 300 -9.31 -29.84 10.18
N PRO A 301 -9.22 -28.82 9.36
CA PRO A 301 -9.57 -27.51 9.81
C PRO A 301 -10.95 -27.50 10.35
N GLU A 302 -11.79 -28.39 9.86
CA GLU A 302 -13.20 -28.42 10.29
C GLU A 302 -13.24 -28.78 11.78
N SER A 303 -12.20 -29.44 12.17
CA SER A 303 -12.09 -29.81 13.54
C SER A 303 -11.62 -28.63 14.45
N PHE A 304 -11.40 -27.42 13.92
CA PHE A 304 -10.89 -26.35 14.76
C PHE A 304 -11.78 -25.17 14.69
N ASN A 305 -12.02 -24.54 15.83
CA ASN A 305 -12.88 -23.36 15.94
C ASN A 305 -12.36 -22.13 15.18
N TYR A 306 -11.00 -21.98 15.24
CA TYR A 306 -10.26 -20.88 14.63
C TYR A 306 -10.23 -20.98 13.12
N LEU A 307 -10.73 -22.11 12.60
CA LEU A 307 -10.73 -22.33 11.17
C LEU A 307 -12.00 -22.87 10.55
N ASN A 308 -12.99 -23.18 11.34
CA ASN A 308 -14.23 -23.79 10.86
C ASN A 308 -15.40 -22.81 10.97
N GLN A 309 -15.09 -21.59 11.22
CA GLN A 309 -16.17 -20.69 11.35
C GLN A 309 -16.52 -19.85 10.11
N SER A 310 -15.57 -19.57 9.17
CA SER A 310 -15.86 -18.65 8.02
C SER A 310 -16.53 -19.27 6.81
N GLY A 311 -16.51 -20.58 6.72
CA GLY A 311 -17.07 -21.24 5.56
C GLY A 311 -15.98 -21.59 4.57
N CYS A 312 -14.88 -20.90 4.67
CA CYS A 312 -13.86 -21.15 3.73
C CYS A 312 -12.62 -21.77 4.37
N VAL A 313 -12.21 -22.89 3.82
CA VAL A 313 -11.01 -23.50 4.33
C VAL A 313 -10.00 -23.68 3.22
N ASP A 314 -10.38 -23.30 2.01
CA ASP A 314 -9.49 -23.42 0.88
C ASP A 314 -9.63 -22.31 -0.16
N ILE A 315 -8.51 -22.08 -0.88
CA ILE A 315 -8.44 -21.07 -1.93
C ILE A 315 -8.30 -21.72 -3.27
N LYS A 316 -9.09 -21.24 -4.19
CA LYS A 316 -9.07 -21.84 -5.50
C LYS A 316 -7.74 -21.66 -6.20
N GLY A 317 -7.26 -22.76 -6.76
CA GLY A 317 -6.00 -22.65 -7.45
C GLY A 317 -4.86 -22.52 -6.48
N VAL A 318 -5.07 -23.08 -5.28
CA VAL A 318 -4.08 -23.11 -4.24
C VAL A 318 -4.12 -24.39 -3.49
N SER A 319 -2.92 -24.99 -3.40
CA SER A 319 -2.67 -26.25 -2.66
C SER A 319 -1.90 -25.95 -1.40
N ASP A 320 -2.57 -26.04 -0.26
CA ASP A 320 -1.89 -25.72 0.99
C ASP A 320 -0.70 -26.62 1.26
N GLU A 321 -0.85 -27.87 0.90
CA GLU A 321 0.20 -28.87 1.03
C GLU A 321 1.38 -28.51 0.15
N GLU A 322 1.12 -28.14 -1.12
CA GLU A 322 2.26 -27.76 -1.95
C GLU A 322 2.99 -26.56 -1.32
N GLU A 323 2.16 -25.58 -0.88
CA GLU A 323 2.53 -24.31 -0.23
C GLU A 323 3.35 -24.53 1.05
N PHE A 324 2.93 -25.48 1.87
CA PHE A 324 3.66 -25.84 3.04
C PHE A 324 5.10 -26.28 2.72
N LYS A 325 5.24 -27.09 1.65
CA LYS A 325 6.54 -27.60 1.22
C LYS A 325 7.42 -26.42 0.91
N ILE A 326 6.82 -25.50 0.17
CA ILE A 326 7.44 -24.26 -0.20
C ILE A 326 7.84 -23.36 1.00
N THR A 327 7.02 -23.35 2.05
CA THR A 327 7.32 -22.56 3.25
C THR A 327 8.47 -23.21 3.99
N ARG A 328 8.34 -24.52 4.14
CA ARG A 328 9.31 -25.31 4.86
C ARG A 328 10.70 -25.21 4.19
N GLN A 329 10.67 -25.23 2.90
CA GLN A 329 11.91 -25.14 2.22
C GLN A 329 12.52 -23.78 2.33
N ALA A 330 11.68 -22.76 2.37
CA ALA A 330 12.17 -21.42 2.54
C ALA A 330 12.86 -21.31 3.90
N MET A 331 12.23 -21.84 4.94
CA MET A 331 12.83 -21.76 6.25
C MET A 331 14.14 -22.48 6.24
N ASP A 332 14.16 -23.56 5.46
CA ASP A 332 15.34 -24.39 5.29
C ASP A 332 16.47 -23.57 4.75
N ILE A 333 16.13 -22.78 3.71
CA ILE A 333 17.08 -21.89 3.07
C ILE A 333 17.63 -20.79 3.97
N VAL A 334 16.72 -20.06 4.58
CA VAL A 334 17.11 -19.00 5.46
C VAL A 334 17.95 -19.60 6.61
N GLY A 335 17.54 -20.76 7.17
CA GLY A 335 18.35 -21.30 8.27
C GLY A 335 17.63 -21.68 9.56
N PHE A 336 16.37 -21.97 9.45
CA PHE A 336 15.72 -22.39 10.66
C PHE A 336 16.06 -23.84 10.85
N SER A 337 16.58 -24.13 12.01
CA SER A 337 16.90 -25.47 12.39
C SER A 337 15.58 -26.20 12.49
N GLN A 338 15.63 -27.50 12.23
CA GLN A 338 14.45 -28.35 12.25
C GLN A 338 13.77 -28.28 13.59
N GLU A 339 14.61 -28.00 14.55
CA GLU A 339 14.22 -27.86 15.91
C GLU A 339 13.33 -26.64 15.95
N GLU A 340 13.82 -25.63 15.30
CA GLU A 340 13.12 -24.40 15.24
C GLU A 340 11.80 -24.60 14.56
N GLN A 341 11.91 -25.19 13.41
CA GLN A 341 10.75 -25.41 12.61
C GLN A 341 9.68 -26.12 13.36
N MET A 342 10.12 -27.09 14.10
CA MET A 342 9.17 -27.82 14.87
C MET A 342 8.42 -26.92 15.81
N SER A 343 9.15 -26.27 16.71
CA SER A 343 8.47 -25.41 17.63
C SER A 343 7.54 -24.39 16.97
N ILE A 344 7.92 -23.88 15.80
CA ILE A 344 7.08 -22.96 15.12
C ILE A 344 5.71 -23.58 14.90
N PHE A 345 5.73 -24.74 14.33
CA PHE A 345 4.51 -25.41 14.06
C PHE A 345 3.81 -25.86 15.28
N LYS A 346 4.63 -26.19 16.26
CA LYS A 346 4.04 -26.62 17.51
C LYS A 346 3.17 -25.48 18.08
N ILE A 347 3.68 -24.29 17.86
CA ILE A 347 3.03 -23.08 18.29
C ILE A 347 1.76 -22.85 17.51
N ILE A 348 1.86 -23.07 16.22
CA ILE A 348 0.72 -22.94 15.35
C ILE A 348 -0.33 -23.95 15.83
N ALA A 349 0.19 -25.13 16.14
CA ALA A 349 -0.63 -26.22 16.61
C ALA A 349 -1.28 -25.87 17.92
N GLY A 350 -0.43 -25.47 18.89
CA GLY A 350 -0.88 -25.08 20.24
C GLY A 350 -2.02 -24.07 20.18
N ILE A 351 -1.78 -23.06 19.36
CA ILE A 351 -2.76 -22.01 19.12
C ILE A 351 -4.08 -22.60 18.67
N LEU A 352 -4.00 -23.56 17.74
CA LEU A 352 -5.22 -24.19 17.28
C LEU A 352 -6.07 -24.79 18.41
N HIS A 353 -5.40 -25.54 19.27
CA HIS A 353 -5.97 -26.20 20.47
C HIS A 353 -6.57 -25.22 21.44
N LEU A 354 -5.78 -24.18 21.76
CA LEU A 354 -6.24 -23.11 22.62
C LEU A 354 -7.63 -22.65 22.13
N GLY A 355 -7.80 -22.57 20.83
CA GLY A 355 -9.09 -22.10 20.34
C GLY A 355 -10.22 -23.09 20.55
N ASN A 356 -9.82 -24.32 20.75
CA ASN A 356 -10.73 -25.41 20.90
C ASN A 356 -11.24 -25.62 22.31
N ILE A 357 -10.61 -24.95 23.26
CA ILE A 357 -11.03 -24.98 24.65
C ILE A 357 -12.47 -24.45 24.79
N LYS A 358 -13.41 -25.24 25.39
CA LYS A 358 -14.77 -24.76 25.65
C LYS A 358 -14.89 -24.45 27.12
N PHE A 359 -15.23 -23.21 27.36
CA PHE A 359 -15.44 -22.77 28.70
C PHE A 359 -16.91 -22.97 28.99
N GLU A 360 -17.11 -23.44 30.21
CA GLU A 360 -18.41 -23.66 30.78
C GLU A 360 -18.40 -23.11 32.20
N LYS A 361 -19.55 -22.56 32.58
CA LYS A 361 -19.78 -21.96 33.87
C LYS A 361 -21.25 -22.11 34.20
N GLY A 362 -21.55 -22.41 35.42
CA GLY A 362 -22.96 -22.55 35.82
C GLY A 362 -22.94 -23.20 37.17
N ALA A 363 -21.69 -23.68 37.44
CA ALA A 363 -21.31 -24.29 38.70
C ALA A 363 -21.43 -23.14 39.70
N GLY A 364 -21.07 -21.97 39.17
CA GLY A 364 -21.16 -20.70 39.85
C GLY A 364 -21.58 -19.67 38.84
N GLU A 365 -20.61 -18.78 38.68
CA GLU A 365 -20.61 -17.66 37.76
C GLU A 365 -19.26 -17.65 37.01
N GLY A 366 -18.21 -18.08 37.74
CA GLY A 366 -16.85 -18.22 37.26
C GLY A 366 -16.80 -19.50 36.46
N ALA A 367 -15.91 -19.51 35.46
CA ALA A 367 -15.79 -20.62 34.54
C ALA A 367 -15.01 -21.85 35.00
N VAL A 368 -15.33 -22.97 34.36
CA VAL A 368 -14.63 -24.22 34.59
C VAL A 368 -14.40 -25.02 33.32
N LEU A 369 -13.58 -26.03 33.46
CA LEU A 369 -13.21 -26.86 32.36
C LEU A 369 -13.62 -28.31 32.45
N LYS A 370 -14.77 -28.67 31.95
CA LYS A 370 -15.09 -30.07 32.01
C LYS A 370 -14.13 -30.96 31.17
N ASP A 371 -13.73 -30.48 30.01
CA ASP A 371 -12.84 -31.26 29.15
C ASP A 371 -11.48 -30.58 28.96
N LYS A 372 -10.46 -31.22 29.55
CA LYS A 372 -9.09 -30.74 29.55
C LYS A 372 -8.31 -31.22 28.36
N THR A 373 -9.00 -31.94 27.50
CA THR A 373 -8.37 -32.39 26.28
C THR A 373 -7.67 -31.29 25.50
N ALA A 374 -8.45 -30.35 24.98
CA ALA A 374 -7.82 -29.31 24.21
C ALA A 374 -6.80 -28.62 25.06
N LEU A 375 -7.15 -28.38 26.31
CA LEU A 375 -6.18 -27.76 27.21
C LEU A 375 -4.84 -28.52 27.30
N ASN A 376 -4.98 -29.83 27.47
CA ASN A 376 -3.83 -30.69 27.63
C ASN A 376 -2.98 -30.68 26.42
N ALA A 377 -3.69 -30.70 25.31
CA ALA A 377 -3.18 -30.66 23.96
C ALA A 377 -2.31 -29.41 23.74
N ALA A 378 -2.88 -28.26 24.03
CA ALA A 378 -2.15 -27.04 23.89
C ALA A 378 -0.91 -27.09 24.76
N SER A 379 -1.10 -27.19 26.07
CA SER A 379 0.04 -27.20 26.99
C SER A 379 1.18 -28.12 26.54
N THR A 380 0.79 -29.25 26.06
CA THR A 380 1.79 -30.16 25.58
C THR A 380 2.70 -29.61 24.52
N VAL A 381 2.09 -29.15 23.44
CA VAL A 381 2.90 -28.66 22.34
C VAL A 381 3.66 -27.44 22.74
N PHE A 382 3.10 -26.67 23.71
CA PHE A 382 3.76 -25.43 24.19
C PHE A 382 4.88 -25.75 25.16
N GLY A 383 4.73 -26.87 25.87
CA GLY A 383 5.74 -27.29 26.85
C GLY A 383 5.53 -26.58 28.20
N VAL A 384 4.31 -26.11 28.40
CA VAL A 384 3.90 -25.41 29.61
C VAL A 384 3.03 -26.34 30.48
N ASN A 385 2.65 -25.89 31.68
CA ASN A 385 1.89 -26.74 32.61
C ASN A 385 0.36 -26.53 32.68
N PRO A 386 -0.37 -27.54 32.21
CA PRO A 386 -1.83 -27.58 32.11
C PRO A 386 -2.65 -27.05 33.27
N SER A 387 -2.14 -27.27 34.47
CA SER A 387 -2.85 -26.83 35.65
C SER A 387 -2.63 -25.35 35.90
N VAL A 388 -1.41 -24.93 35.54
CA VAL A 388 -0.96 -23.54 35.64
C VAL A 388 -1.64 -22.71 34.58
N LEU A 389 -1.75 -23.32 33.39
CA LEU A 389 -2.43 -22.75 32.25
C LEU A 389 -3.89 -22.47 32.59
N GLU A 390 -4.46 -23.56 33.10
CA GLU A 390 -5.82 -23.66 33.48
C GLU A 390 -6.20 -22.59 34.46
N LYS A 391 -5.34 -22.43 35.43
CA LYS A 391 -5.60 -21.44 36.43
C LYS A 391 -5.40 -20.06 35.93
N ALA A 392 -4.31 -19.92 35.20
CA ALA A 392 -3.94 -18.63 34.63
C ALA A 392 -5.07 -18.09 33.79
N LEU A 393 -5.83 -18.98 33.15
CA LEU A 393 -6.97 -18.62 32.28
C LEU A 393 -8.20 -18.32 33.01
N MET A 394 -8.56 -19.16 33.98
CA MET A 394 -9.81 -18.85 34.66
C MET A 394 -9.69 -18.26 36.01
N GLU A 395 -8.50 -18.22 36.52
CA GLU A 395 -8.35 -17.67 37.83
C GLU A 395 -7.08 -16.92 38.02
N PRO A 396 -6.90 -15.86 37.29
CA PRO A 396 -5.73 -15.04 37.40
C PRO A 396 -5.65 -14.26 38.72
N ARG A 397 -4.46 -14.23 39.33
CA ARG A 397 -4.29 -13.42 40.52
C ARG A 397 -4.18 -12.02 40.04
N ILE A 398 -4.91 -11.15 40.65
CA ILE A 398 -4.90 -9.77 40.19
C ILE A 398 -4.68 -8.79 41.32
N LEU A 399 -3.80 -7.83 41.03
CA LEU A 399 -3.45 -6.75 41.93
C LEU A 399 -4.63 -5.83 42.20
N ALA A 400 -5.06 -5.88 43.46
CA ALA A 400 -6.18 -5.11 43.94
C ALA A 400 -5.78 -4.32 45.16
N GLY A 401 -4.81 -3.47 44.97
CA GLY A 401 -4.34 -2.64 46.05
C GLY A 401 -3.00 -3.13 46.55
N ARG A 402 -3.05 -3.72 47.76
CA ARG A 402 -1.89 -4.25 48.45
C ARG A 402 -1.82 -5.76 48.22
N ASP A 403 -3.01 -6.27 48.15
CA ASP A 403 -3.27 -7.66 47.97
C ASP A 403 -3.19 -8.07 46.51
N LEU A 404 -2.84 -9.32 46.32
CA LEU A 404 -2.78 -9.94 45.03
C LEU A 404 -3.66 -11.18 45.15
N VAL A 405 -4.86 -11.09 44.60
CA VAL A 405 -5.81 -12.19 44.70
C VAL A 405 -6.23 -12.77 43.34
N ALA A 406 -6.37 -14.09 43.33
CA ALA A 406 -6.83 -14.86 42.20
C ALA A 406 -8.29 -14.57 41.88
N GLN A 407 -8.54 -14.14 40.66
CA GLN A 407 -9.93 -13.87 40.31
C GLN A 407 -10.53 -15.01 39.56
N HIS A 408 -11.75 -15.32 39.91
CA HIS A 408 -12.37 -16.40 39.21
C HIS A 408 -13.14 -15.81 38.06
N LEU A 409 -12.70 -16.10 36.84
CA LEU A 409 -13.34 -15.56 35.67
C LEU A 409 -14.48 -16.42 35.15
N ASN A 410 -15.45 -15.67 34.64
CA ASN A 410 -16.58 -16.24 33.98
C ASN A 410 -16.15 -16.76 32.63
N VAL A 411 -17.13 -17.20 31.87
CA VAL A 411 -16.85 -17.74 30.55
C VAL A 411 -16.35 -16.71 29.57
N GLU A 412 -17.13 -15.65 29.39
CA GLU A 412 -16.81 -14.61 28.47
C GLU A 412 -15.44 -14.16 28.74
N LYS A 413 -15.31 -13.62 29.94
CA LYS A 413 -14.03 -13.12 30.34
C LYS A 413 -12.98 -14.21 30.20
N SER A 414 -13.34 -15.41 30.56
CA SER A 414 -12.35 -16.43 30.45
C SER A 414 -11.92 -16.63 29.00
N SER A 415 -12.91 -16.54 28.15
CA SER A 415 -12.76 -16.79 26.75
C SER A 415 -11.95 -15.73 26.01
N SER A 416 -12.22 -14.50 26.35
CA SER A 416 -11.51 -13.38 25.87
C SER A 416 -10.03 -13.44 26.29
N SER A 417 -9.72 -14.01 27.45
CA SER A 417 -8.36 -14.05 27.93
C SER A 417 -7.47 -15.03 27.14
N ARG A 418 -8.12 -16.14 26.88
CA ARG A 418 -7.62 -17.20 26.06
C ARG A 418 -7.31 -16.61 24.68
N ASP A 419 -8.20 -15.74 24.21
CA ASP A 419 -7.98 -15.16 22.92
C ASP A 419 -6.79 -14.22 22.93
N ALA A 420 -6.73 -13.42 23.95
CA ALA A 420 -5.62 -12.51 24.14
C ALA A 420 -4.32 -13.29 24.16
N LEU A 421 -4.37 -14.46 24.76
CA LEU A 421 -3.18 -15.26 24.81
C LEU A 421 -2.82 -15.74 23.42
N VAL A 422 -3.80 -16.16 22.69
CA VAL A 422 -3.53 -16.63 21.36
C VAL A 422 -2.90 -15.48 20.52
N LYS A 423 -3.50 -14.31 20.61
CA LYS A 423 -3.00 -13.22 19.82
C LYS A 423 -1.61 -12.80 20.16
N ALA A 424 -1.22 -12.92 21.44
CA ALA A 424 0.14 -12.56 21.86
C ALA A 424 1.13 -13.56 21.34
N LEU A 425 0.70 -14.80 21.33
CA LEU A 425 1.52 -15.85 20.83
C LEU A 425 1.86 -15.61 19.41
N TYR A 426 0.81 -15.44 18.64
CA TYR A 426 0.93 -15.17 17.23
C TYR A 426 1.74 -13.91 16.93
N GLY A 427 1.45 -12.82 17.62
CA GLY A 427 2.16 -11.57 17.38
C GLY A 427 3.63 -11.69 17.71
N ARG A 428 3.89 -12.31 18.84
CA ARG A 428 5.26 -12.48 19.25
C ARG A 428 5.97 -13.43 18.34
N LEU A 429 5.28 -14.45 17.95
CA LEU A 429 5.93 -15.34 17.07
C LEU A 429 6.31 -14.65 15.78
N PHE A 430 5.41 -13.85 15.25
CA PHE A 430 5.68 -13.18 13.99
C PHE A 430 6.92 -12.34 14.11
N LEU A 431 6.96 -11.60 15.21
CA LEU A 431 8.06 -10.70 15.55
C LEU A 431 9.41 -11.39 15.52
N TRP A 432 9.40 -12.53 16.19
CA TRP A 432 10.51 -13.43 16.34
C TRP A 432 11.00 -13.94 15.01
N LEU A 433 10.07 -14.27 14.13
CA LEU A 433 10.50 -14.77 12.85
C LEU A 433 11.18 -13.66 12.18
N VAL A 434 10.59 -12.45 12.26
CA VAL A 434 11.18 -11.30 11.59
C VAL A 434 12.63 -11.12 12.07
N LYS A 435 12.77 -11.20 13.39
CA LYS A 435 14.08 -11.05 14.01
C LYS A 435 15.08 -12.07 13.49
N LYS A 436 14.69 -13.33 13.58
CA LYS A 436 15.46 -14.44 13.09
C LYS A 436 15.91 -14.21 11.64
N ILE A 437 15.02 -13.71 10.83
CA ILE A 437 15.39 -13.50 9.45
C ILE A 437 16.37 -12.33 9.31
N ASN A 438 16.20 -11.28 10.11
CA ASN A 438 17.06 -10.15 9.94
C ASN A 438 18.44 -10.52 10.35
N ASN A 439 18.47 -11.32 11.38
CA ASN A 439 19.72 -11.81 11.89
C ASN A 439 20.51 -12.41 10.76
N VAL A 440 19.89 -13.29 10.06
CA VAL A 440 20.54 -13.87 8.95
C VAL A 440 20.98 -12.87 7.88
N LEU A 441 20.06 -12.05 7.40
CA LEU A 441 20.45 -11.21 6.28
C LEU A 441 21.02 -9.83 6.50
N CYS A 442 20.83 -9.34 7.70
CA CYS A 442 21.11 -7.98 8.02
C CYS A 442 22.55 -7.54 8.30
N SER A 443 22.85 -6.29 7.83
CA SER A 443 24.15 -5.58 7.90
C SER A 443 24.29 -4.35 8.83
N GLU A 444 25.25 -4.48 9.78
CA GLU A 444 25.65 -3.47 10.76
C GLU A 444 26.44 -2.45 9.98
N ARG A 445 27.38 -3.05 9.25
CA ARG A 445 28.25 -2.34 8.36
C ARG A 445 27.78 -2.40 6.91
N LYS A 446 26.76 -1.60 6.57
CA LYS A 446 26.30 -1.52 5.19
C LYS A 446 26.62 -0.13 4.67
N ALA A 447 26.76 -0.04 3.35
CA ALA A 447 27.09 1.22 2.70
C ALA A 447 25.90 2.03 2.23
N TYR A 448 25.04 1.41 1.39
CA TYR A 448 23.89 2.09 0.82
C TYR A 448 22.67 1.17 0.99
N PHE A 449 21.46 1.69 0.79
CA PHE A 449 20.29 0.76 0.83
C PHE A 449 19.26 1.39 -0.04
N ILE A 450 18.32 0.58 -0.43
CA ILE A 450 17.18 0.97 -1.19
C ILE A 450 16.06 0.36 -0.37
N GLY A 451 15.17 1.17 0.18
CA GLY A 451 14.15 0.54 1.03
C GLY A 451 12.82 0.58 0.30
N VAL A 452 12.11 -0.50 0.39
CA VAL A 452 10.79 -0.62 -0.27
C VAL A 452 9.63 -0.64 0.80
N LEU A 453 8.65 0.24 0.63
CA LEU A 453 7.64 0.25 1.63
C LEU A 453 6.41 -0.27 1.00
N ASP A 454 5.90 -1.36 1.57
CA ASP A 454 4.66 -1.90 1.01
C ASP A 454 3.58 -1.92 2.11
N ILE A 455 2.62 -0.98 2.04
CA ILE A 455 1.64 -0.84 3.07
C ILE A 455 0.41 -0.25 2.43
N SER A 456 -0.73 -0.35 3.08
CA SER A 456 -1.94 0.25 2.43
C SER A 456 -1.91 1.76 2.37
N GLY A 457 -2.64 2.37 1.38
CA GLY A 457 -2.80 3.84 1.34
C GLY A 457 -3.97 4.10 2.35
N PHE A 458 -4.69 5.19 2.24
CA PHE A 458 -5.81 5.46 3.16
C PHE A 458 -6.84 4.36 3.14
N GLU A 459 -7.40 4.04 4.29
CA GLU A 459 -8.45 3.04 4.41
C GLU A 459 -9.73 3.73 4.89
N ILE A 460 -10.76 3.68 4.10
CA ILE A 460 -12.08 4.20 4.48
C ILE A 460 -13.14 3.12 4.29
N PHE A 461 -13.37 2.28 5.30
CA PHE A 461 -14.32 1.18 5.29
C PHE A 461 -15.66 1.62 5.83
N LYS A 462 -16.51 0.64 6.00
CA LYS A 462 -17.88 0.74 6.47
C LYS A 462 -17.73 1.04 7.90
N VAL A 463 -16.84 0.27 8.51
CA VAL A 463 -16.45 0.45 9.89
C VAL A 463 -14.96 0.75 9.98
N ASN A 464 -14.61 1.87 10.62
CA ASN A 464 -13.23 2.28 10.86
C ASN A 464 -12.97 2.31 12.36
N SER A 465 -11.92 1.60 12.84
CA SER A 465 -11.51 1.45 14.22
C SER A 465 -10.09 1.96 14.39
N PHE A 466 -9.45 1.60 15.50
CA PHE A 466 -8.13 2.07 15.87
C PHE A 466 -7.06 1.88 14.82
N GLU A 467 -7.05 0.73 14.20
CA GLU A 467 -6.15 0.37 13.11
C GLU A 467 -6.19 1.22 11.90
N GLN A 468 -7.42 1.61 11.44
CA GLN A 468 -7.65 2.53 10.33
C GLN A 468 -7.12 3.93 10.69
N LEU A 469 -7.25 4.34 11.98
CA LEU A 469 -6.71 5.63 12.38
C LEU A 469 -5.18 5.62 12.23
N CYS A 470 -4.58 4.53 12.71
CA CYS A 470 -3.18 4.37 12.60
C CYS A 470 -2.70 4.48 11.13
N ILE A 471 -3.25 3.59 10.33
CA ILE A 471 -2.90 3.58 8.92
C ILE A 471 -3.17 4.91 8.26
N ASN A 472 -4.27 5.58 8.65
CA ASN A 472 -4.54 6.81 8.00
C ASN A 472 -3.65 7.89 8.50
N TYR A 473 -3.16 7.69 9.71
CA TYR A 473 -2.20 8.64 10.28
C TYR A 473 -0.88 8.54 9.49
N THR A 474 -0.41 7.31 9.27
CA THR A 474 0.84 7.08 8.47
C THR A 474 0.74 7.73 7.11
N ASN A 475 -0.46 7.53 6.55
CA ASN A 475 -0.80 8.06 5.26
C ASN A 475 -0.81 9.56 5.13
N GLU A 476 -1.21 10.30 6.20
CA GLU A 476 -1.18 11.77 6.11
C GLU A 476 0.30 12.25 6.03
N LYS A 477 1.09 11.54 6.82
CA LYS A 477 2.54 11.79 6.86
C LYS A 477 3.20 11.48 5.53
N LEU A 478 2.84 10.36 4.91
CA LEU A 478 3.43 10.07 3.62
C LEU A 478 2.96 11.04 2.59
N GLN A 479 1.70 11.48 2.69
CA GLN A 479 1.22 12.43 1.68
C GLN A 479 1.91 13.77 1.87
N GLN A 480 2.18 14.12 3.09
CA GLN A 480 2.82 15.41 3.32
C GLN A 480 4.30 15.33 2.79
N PHE A 481 4.87 14.14 2.95
CA PHE A 481 6.20 13.83 2.43
C PHE A 481 6.24 13.99 0.91
N PHE A 482 5.26 13.43 0.22
CA PHE A 482 5.22 13.59 -1.21
C PHE A 482 5.15 15.03 -1.61
N ASN A 483 4.24 15.69 -0.94
CA ASN A 483 3.96 17.08 -1.19
C ASN A 483 5.20 17.95 -1.04
N HIS A 484 5.95 17.71 0.02
CA HIS A 484 7.19 18.43 0.20
C HIS A 484 8.20 18.11 -0.88
N HIS A 485 8.28 16.81 -1.16
CA HIS A 485 9.13 16.29 -2.20
C HIS A 485 8.80 16.92 -3.55
N MET A 486 7.51 16.93 -3.88
CA MET A 486 7.07 17.52 -5.14
C MET A 486 7.46 19.01 -5.27
N PHE A 487 7.29 19.68 -4.16
CA PHE A 487 7.65 21.08 -4.02
C PHE A 487 9.09 21.35 -4.39
N LYS A 488 10.05 20.68 -3.69
CA LYS A 488 11.50 20.84 -3.97
C LYS A 488 11.93 20.51 -5.44
N VAL A 489 11.48 19.34 -5.92
CA VAL A 489 11.75 18.89 -7.25
C VAL A 489 11.13 19.80 -8.29
N GLU A 490 9.90 20.26 -8.05
CA GLU A 490 9.34 21.17 -9.04
C GLU A 490 10.14 22.44 -9.12
N GLN A 491 10.61 22.92 -7.96
CA GLN A 491 11.42 24.13 -7.86
C GLN A 491 12.77 24.02 -8.61
N GLU A 492 13.45 22.89 -8.42
CA GLU A 492 14.72 22.63 -9.08
C GLU A 492 14.59 22.67 -10.54
N GLU A 493 13.59 21.92 -11.06
CA GLU A 493 13.37 21.86 -12.52
C GLU A 493 13.29 23.24 -13.07
N TYR A 494 12.36 24.00 -12.48
CA TYR A 494 12.13 25.37 -12.87
C TYR A 494 13.40 26.13 -12.75
N LEU A 495 14.14 25.82 -11.69
CA LEU A 495 15.39 26.48 -11.50
C LEU A 495 16.45 26.11 -12.54
N LYS A 496 16.56 24.82 -12.95
CA LYS A 496 17.55 24.29 -13.93
C LYS A 496 17.41 24.87 -15.34
N GLU A 497 16.22 25.38 -15.60
CA GLU A 497 15.92 26.07 -16.81
C GLU A 497 15.67 27.51 -16.35
N LYS A 498 16.21 28.51 -17.02
CA LYS A 498 15.96 29.85 -16.50
C LYS A 498 14.52 30.35 -16.72
N ILE A 499 13.62 29.72 -15.88
CA ILE A 499 12.16 29.90 -15.79
C ILE A 499 11.76 30.26 -14.34
N ASP A 509 -2.99 22.73 5.27
CA ASP A 509 -2.30 21.47 5.03
C ASP A 509 -2.65 20.22 5.88
N SER A 510 -1.65 19.29 5.86
CA SER A 510 -1.72 18.01 6.55
C SER A 510 -1.29 18.18 7.97
N GLN A 511 -0.67 19.35 8.23
CA GLN A 511 -0.20 19.55 9.56
C GLN A 511 -1.32 19.54 10.61
N ALA A 512 -2.44 20.17 10.26
CA ALA A 512 -3.58 20.28 11.18
C ALA A 512 -4.17 18.94 11.49
N THR A 513 -4.29 18.10 10.44
CA THR A 513 -4.84 16.75 10.64
C THR A 513 -3.92 15.97 11.53
N ILE A 514 -2.63 16.02 11.11
CA ILE A 514 -1.58 15.32 11.81
C ILE A 514 -1.60 15.67 13.31
N ASP A 515 -1.71 16.98 13.56
CA ASP A 515 -1.72 17.47 14.96
C ASP A 515 -2.90 17.02 15.75
N LEU A 516 -4.07 17.04 15.04
CA LEU A 516 -5.27 16.59 15.69
C LEU A 516 -5.10 15.15 16.23
N ILE A 517 -4.37 14.40 15.42
CA ILE A 517 -4.09 13.03 15.82
C ILE A 517 -2.98 12.91 16.80
N ASP A 518 -1.79 13.44 16.44
CA ASP A 518 -0.70 13.17 17.33
C ASP A 518 -0.22 14.29 18.23
N GLY A 519 -0.88 15.43 18.24
CA GLY A 519 -0.51 16.55 19.12
C GLY A 519 -0.38 16.15 20.61
N ARG A 520 0.59 16.84 21.25
CA ARG A 520 0.93 16.69 22.64
C ARG A 520 0.26 17.83 23.49
N GLN A 521 0.37 19.06 23.06
CA GLN A 521 -0.22 20.20 23.75
C GLN A 521 -0.64 21.29 22.78
N PRO A 522 -1.96 21.48 22.61
CA PRO A 522 -2.99 20.73 23.25
C PRO A 522 -2.92 19.26 22.80
N PRO A 523 -3.49 18.44 23.58
CA PRO A 523 -3.47 17.02 23.31
C PRO A 523 -4.29 16.66 22.09
N GLY A 524 -3.79 15.71 21.31
CA GLY A 524 -4.52 15.29 20.14
C GLY A 524 -5.21 14.01 20.49
N ILE A 525 -5.79 13.31 19.50
CA ILE A 525 -6.51 12.08 19.85
C ILE A 525 -5.72 11.05 20.59
N LEU A 526 -4.51 10.79 20.12
CA LEU A 526 -3.78 9.72 20.78
C LEU A 526 -3.38 10.03 22.23
N ALA A 527 -3.02 11.29 22.47
CA ALA A 527 -2.59 11.72 23.81
C ALA A 527 -3.80 11.48 24.75
N LEU A 528 -5.03 11.87 24.30
CA LEU A 528 -6.27 11.63 25.08
C LEU A 528 -6.51 10.16 25.33
N LEU A 529 -6.23 9.39 24.32
CA LEU A 529 -6.44 7.96 24.44
C LEU A 529 -5.46 7.43 25.41
N ASP A 530 -4.23 7.91 25.28
CA ASP A 530 -3.19 7.45 26.22
C ASP A 530 -3.54 7.78 27.63
N GLU A 531 -4.07 9.00 27.79
CA GLU A 531 -4.45 9.47 29.11
C GLU A 531 -5.49 8.59 29.77
N GLN A 532 -6.53 8.29 29.00
CA GLN A 532 -7.63 7.40 29.42
C GLN A 532 -7.14 6.00 29.78
N SER A 533 -6.03 5.63 29.16
CA SER A 533 -5.44 4.31 29.29
C SER A 533 -5.00 3.86 30.67
N VAL A 534 -4.57 4.82 31.45
CA VAL A 534 -4.06 4.60 32.84
C VAL A 534 -5.14 4.18 33.86
N PHE A 535 -6.40 4.47 33.52
CA PHE A 535 -7.57 4.22 34.34
C PHE A 535 -8.24 2.92 34.02
N PRO A 536 -7.95 1.98 34.91
CA PRO A 536 -8.51 0.67 34.81
C PRO A 536 -10.02 0.72 34.53
N ASN A 537 -10.73 1.62 35.18
CA ASN A 537 -12.16 1.68 34.94
C ASN A 537 -12.64 2.61 33.84
N ALA A 538 -11.78 3.26 33.05
CA ALA A 538 -12.37 4.10 32.00
C ALA A 538 -13.14 3.23 30.97
N THR A 539 -13.94 3.87 30.16
CA THR A 539 -14.76 3.17 29.20
C THR A 539 -14.73 3.84 27.85
N ASP A 540 -15.29 3.13 26.86
CA ASP A 540 -15.45 3.73 25.55
C ASP A 540 -16.17 5.08 25.66
N ASN A 541 -17.15 5.15 26.58
CA ASN A 541 -17.91 6.35 26.73
C ASN A 541 -17.14 7.53 27.35
N THR A 542 -16.30 7.20 28.31
CA THR A 542 -15.48 8.27 28.89
C THR A 542 -14.57 8.82 27.81
N LEU A 543 -13.97 7.87 27.10
CA LEU A 543 -13.08 8.18 25.99
C LEU A 543 -13.69 9.05 24.92
N ILE A 544 -14.74 8.58 24.26
CA ILE A 544 -15.39 9.41 23.23
C ILE A 544 -15.86 10.75 23.77
N THR A 545 -16.32 10.79 25.02
CA THR A 545 -16.78 12.08 25.62
C THR A 545 -15.59 13.05 25.79
N LYS A 546 -14.45 12.52 26.28
CA LYS A 546 -13.25 13.37 26.34
C LYS A 546 -12.91 13.96 24.98
N LEU A 547 -12.97 13.13 23.94
CA LEU A 547 -12.68 13.54 22.57
C LEU A 547 -13.56 14.63 22.08
N HIS A 548 -14.86 14.46 22.23
CA HIS A 548 -15.78 15.52 21.76
C HIS A 548 -15.58 16.81 22.56
N SER A 549 -15.32 16.66 23.89
CA SER A 549 -15.10 17.79 24.83
C SER A 549 -13.91 18.63 24.34
N HIS A 550 -12.90 17.94 23.88
CA HIS A 550 -11.78 18.70 23.39
C HIS A 550 -11.94 19.18 22.02
N PHE A 551 -12.65 18.44 21.11
CA PHE A 551 -12.59 18.87 19.68
C PHE A 551 -13.87 19.26 19.00
N SER A 552 -15.03 18.86 19.54
CA SER A 552 -16.30 19.15 18.83
C SER A 552 -16.60 20.63 18.76
N LYS A 553 -16.58 21.21 17.54
CA LYS A 553 -16.76 22.65 17.23
C LYS A 553 -15.56 23.42 17.66
N LYS A 554 -14.53 22.69 18.08
CA LYS A 554 -13.34 23.31 18.59
C LYS A 554 -12.15 23.09 17.65
N ASN A 555 -12.12 21.95 16.97
CA ASN A 555 -11.08 21.63 16.03
C ASN A 555 -11.69 21.49 14.67
N ALA A 556 -11.26 22.35 13.73
CA ALA A 556 -11.82 22.27 12.39
C ALA A 556 -11.77 20.91 11.63
N LYS A 557 -10.85 20.01 11.98
CA LYS A 557 -10.70 18.72 11.30
C LYS A 557 -11.53 17.68 12.00
N TYR A 558 -12.25 18.08 13.07
CA TYR A 558 -13.01 17.09 13.84
C TYR A 558 -14.47 17.29 13.66
N GLU A 559 -15.20 16.21 13.73
CA GLU A 559 -16.63 16.20 13.64
C GLU A 559 -17.28 15.28 14.65
N GLU A 560 -18.13 15.88 15.51
CA GLU A 560 -18.95 15.06 16.41
C GLU A 560 -20.25 14.69 15.65
N PRO A 561 -20.55 13.40 15.52
CA PRO A 561 -21.75 13.01 14.80
C PRO A 561 -23.07 13.57 15.33
N ARG A 562 -24.03 13.79 14.42
CA ARG A 562 -25.39 14.25 14.79
C ARG A 562 -26.12 13.30 15.77
N PHE A 563 -26.02 11.99 15.55
CA PHE A 563 -26.63 11.04 16.45
C PHE A 563 -25.74 9.97 17.02
N SER A 564 -24.83 9.35 16.23
CA SER A 564 -24.04 8.24 16.86
C SER A 564 -23.34 8.73 18.11
N LYS A 565 -23.23 7.89 19.11
CA LYS A 565 -22.55 8.23 20.39
C LYS A 565 -21.23 7.48 20.50
N THR A 566 -20.87 6.73 19.45
CA THR A 566 -19.67 5.94 19.56
C THR A 566 -18.69 6.27 18.47
N GLU A 567 -19.00 7.27 17.70
CA GLU A 567 -18.14 7.56 16.61
C GLU A 567 -17.72 8.96 16.62
N PHE A 568 -16.77 9.25 15.72
CA PHE A 568 -16.26 10.62 15.50
C PHE A 568 -15.59 10.66 14.16
N GLY A 569 -15.61 11.84 13.58
CA GLY A 569 -15.07 12.04 12.26
C GLY A 569 -13.82 12.88 12.23
N VAL A 570 -12.98 12.46 11.32
CA VAL A 570 -11.73 13.12 11.01
C VAL A 570 -11.65 13.47 9.54
N THR A 571 -11.41 14.73 9.25
CA THR A 571 -11.22 15.16 7.88
C THR A 571 -9.75 14.93 7.49
N HIS A 572 -9.58 13.94 6.67
CA HIS A 572 -8.29 13.52 6.24
C HIS A 572 -7.98 14.07 4.89
N TYR A 573 -6.76 13.78 4.42
CA TYR A 573 -6.34 14.24 3.08
C TYR A 573 -7.35 13.72 1.99
N ALA A 574 -7.65 12.40 2.10
CA ALA A 574 -8.56 11.63 1.26
C ALA A 574 -10.00 11.97 1.53
N GLY A 575 -10.25 12.86 2.50
CA GLY A 575 -11.58 13.26 2.94
C GLY A 575 -11.98 12.76 4.35
N GLN A 576 -13.26 12.96 4.74
CA GLN A 576 -13.72 12.53 6.06
C GLN A 576 -13.75 11.05 6.30
N VAL A 577 -13.33 10.67 7.49
CA VAL A 577 -13.39 9.28 7.91
C VAL A 577 -14.08 9.27 9.25
N MET A 578 -15.02 8.40 9.37
CA MET A 578 -15.72 8.22 10.63
C MET A 578 -15.20 6.99 11.34
N TYR A 579 -14.76 7.19 12.60
CA TYR A 579 -14.26 6.14 13.43
C TYR A 579 -15.21 5.95 14.58
N GLU A 580 -15.20 4.73 15.00
CA GLU A 580 -15.91 4.12 16.07
C GLU A 580 -14.85 3.72 17.07
N ILE A 581 -15.21 3.98 18.29
CA ILE A 581 -14.37 3.88 19.46
C ILE A 581 -14.35 2.59 20.19
N GLN A 582 -15.27 1.74 19.87
CA GLN A 582 -15.34 0.53 20.60
C GLN A 582 -14.02 -0.20 20.75
N ASP A 583 -13.74 -0.63 21.99
CA ASP A 583 -12.53 -1.36 22.42
C ASP A 583 -11.18 -0.61 22.33
N TRP A 584 -11.21 0.68 22.00
CA TRP A 584 -9.95 1.39 21.84
C TRP A 584 -9.05 1.27 23.05
N LEU A 585 -9.65 1.34 24.26
CA LEU A 585 -8.91 1.30 25.51
C LEU A 585 -8.12 0.04 25.64
N GLU A 586 -8.71 -1.06 25.25
CA GLU A 586 -8.10 -2.37 25.30
C GLU A 586 -7.08 -2.57 24.24
N LYS A 587 -7.42 -2.08 23.07
CA LYS A 587 -6.43 -2.13 22.00
C LYS A 587 -5.11 -1.38 22.34
N ASN A 588 -5.30 -0.23 22.98
CA ASN A 588 -4.21 0.64 23.34
C ASN A 588 -3.32 0.01 24.34
N LYS A 589 -3.96 -0.77 25.17
CA LYS A 589 -3.19 -1.39 26.24
C LYS A 589 -2.72 -2.78 25.86
N ASP A 590 -3.53 -3.40 25.02
CA ASP A 590 -3.20 -4.71 24.56
C ASP A 590 -2.81 -5.66 25.70
N PRO A 591 -3.70 -5.77 26.70
CA PRO A 591 -3.47 -6.59 27.92
C PRO A 591 -3.41 -8.11 27.81
N LEU A 592 -2.57 -8.63 28.68
CA LEU A 592 -2.39 -10.06 28.87
C LEU A 592 -2.15 -10.30 30.36
N GLN A 593 -2.90 -11.19 30.95
CA GLN A 593 -2.80 -11.49 32.34
C GLN A 593 -1.38 -11.86 32.69
N GLN A 594 -0.84 -11.30 33.75
CA GLN A 594 0.55 -11.60 34.12
C GLN A 594 0.79 -13.09 34.39
N ASP A 595 -0.23 -13.76 34.90
CA ASP A 595 -0.06 -15.15 35.16
C ASP A 595 0.11 -15.93 33.87
N LEU A 596 -0.39 -15.40 32.79
CA LEU A 596 -0.18 -16.17 31.59
C LEU A 596 1.29 -16.08 31.15
N GLU A 597 1.84 -14.89 31.30
CA GLU A 597 3.22 -14.64 31.00
C GLU A 597 4.09 -15.60 31.76
N LEU A 598 3.72 -15.65 33.05
CA LEU A 598 4.37 -16.50 34.02
C LEU A 598 4.36 -17.91 33.53
N CYS A 599 3.14 -18.36 33.21
CA CYS A 599 2.92 -19.70 32.71
C CYS A 599 3.88 -19.97 31.59
N PHE A 600 3.73 -19.21 30.54
CA PHE A 600 4.54 -19.33 29.37
C PHE A 600 6.04 -19.00 29.53
N LYS A 601 6.40 -18.15 30.51
CA LYS A 601 7.83 -17.85 30.66
C LYS A 601 8.68 -19.08 31.02
N ASP A 602 8.03 -20.11 31.56
CA ASP A 602 8.62 -21.34 32.04
C ASP A 602 8.68 -22.42 30.98
N SER A 603 7.94 -22.23 29.92
CA SER A 603 7.85 -23.18 28.86
C SER A 603 9.14 -23.88 28.66
N SER A 604 9.00 -25.17 28.37
CA SER A 604 10.14 -25.99 28.09
C SER A 604 10.44 -25.94 26.59
N ASP A 605 9.66 -25.15 25.82
CA ASP A 605 9.95 -25.07 24.40
C ASP A 605 10.95 -23.98 24.26
N ASN A 606 11.99 -24.25 23.50
CA ASN A 606 13.09 -23.34 23.25
C ASN A 606 12.69 -22.13 22.42
N VAL A 607 11.58 -22.21 21.70
CA VAL A 607 11.20 -21.04 20.94
C VAL A 607 10.24 -20.24 21.80
N VAL A 608 9.41 -21.00 22.53
CA VAL A 608 8.46 -20.42 23.44
C VAL A 608 9.03 -19.45 24.51
N THR A 609 10.07 -19.92 25.16
CA THR A 609 10.71 -19.14 26.18
C THR A 609 11.20 -17.79 25.65
N LYS A 610 11.52 -17.73 24.34
CA LYS A 610 11.97 -16.45 23.76
C LYS A 610 10.83 -15.42 23.68
N LEU A 611 9.70 -15.87 23.13
CA LEU A 611 8.51 -15.06 22.98
C LEU A 611 8.18 -14.38 24.31
N PHE A 612 8.41 -15.07 25.42
CA PHE A 612 8.11 -14.53 26.73
C PHE A 612 9.26 -14.05 27.58
N ASN A 613 10.51 -14.43 27.27
CA ASN A 613 11.66 -14.09 28.12
C ASN A 613 12.53 -13.01 27.55
N ASP A 614 12.35 -12.78 26.26
CA ASP A 614 13.05 -11.72 25.60
C ASP A 614 12.22 -10.39 25.58
N PRO A 615 12.68 -9.38 26.29
CA PRO A 615 11.98 -8.10 26.38
C PRO A 615 11.74 -7.43 25.06
N ASN A 616 12.59 -7.76 24.11
CA ASN A 616 12.48 -7.12 22.83
C ASN A 616 11.32 -7.66 22.08
N ILE A 617 10.91 -8.85 22.54
CA ILE A 617 9.79 -9.65 22.01
C ILE A 617 8.56 -9.58 22.95
N ALA A 618 8.72 -9.82 24.21
CA ALA A 618 7.58 -9.81 25.05
C ALA A 618 7.07 -8.41 25.42
N SER A 619 7.74 -7.31 24.95
CA SER A 619 7.37 -5.92 25.37
C SER A 619 7.55 -4.79 24.40
N ARG A 620 6.81 -3.72 24.76
CA ARG A 620 6.73 -2.48 24.03
C ARG A 620 7.93 -1.56 24.04
N ALA A 621 8.26 -1.06 25.20
CA ALA A 621 9.34 -0.12 25.42
C ALA A 621 9.24 0.20 26.87
N PHE A 627 5.46 -0.31 29.37
CA PHE A 627 5.24 1.06 29.83
C PHE A 627 4.68 1.98 28.71
N ILE A 628 4.98 1.66 27.45
CA ILE A 628 4.42 2.50 26.39
C ILE A 628 3.17 1.84 25.86
N THR A 629 2.23 2.66 25.40
CA THR A 629 1.04 2.11 24.84
C THR A 629 1.20 1.73 23.37
N VAL A 630 0.14 1.10 22.88
CA VAL A 630 0.15 0.71 21.50
C VAL A 630 0.26 1.94 20.59
N ALA A 631 -0.52 2.99 20.93
CA ALA A 631 -0.49 4.25 20.13
C ALA A 631 0.85 4.96 20.11
N ALA A 632 1.46 5.02 21.32
CA ALA A 632 2.77 5.64 21.57
C ALA A 632 3.81 4.83 20.78
N GLN A 633 3.68 3.52 20.78
CA GLN A 633 4.60 2.77 19.97
C GLN A 633 4.42 2.98 18.48
N TYR A 634 3.18 3.14 18.07
CA TYR A 634 2.87 3.35 16.67
C TYR A 634 3.44 4.61 16.21
N LYS A 635 3.25 5.61 17.05
CA LYS A 635 3.71 6.95 16.72
C LYS A 635 5.24 7.02 16.54
N GLU A 636 5.87 6.36 17.43
CA GLU A 636 7.30 6.33 17.49
C GLU A 636 7.87 5.62 16.29
N GLN A 637 7.30 4.48 15.95
CA GLN A 637 7.74 3.78 14.76
C GLN A 637 7.46 4.49 13.44
N LEU A 638 6.45 5.31 13.45
CA LEU A 638 6.16 6.01 12.23
C LEU A 638 7.20 7.12 12.09
N ALA A 639 7.57 7.71 13.22
CA ALA A 639 8.54 8.81 13.17
C ALA A 639 9.94 8.29 12.76
N SER A 640 10.29 7.12 13.26
CA SER A 640 11.57 6.57 12.80
C SER A 640 11.57 6.35 11.30
N LEU A 641 10.44 5.79 10.84
CA LEU A 641 10.20 5.50 9.44
C LEU A 641 10.36 6.78 8.64
N MET A 642 9.65 7.82 9.07
CA MET A 642 9.76 8.98 8.31
C MET A 642 11.20 9.52 8.30
N ALA A 643 11.88 9.31 9.42
CA ALA A 643 13.23 9.82 9.56
C ALA A 643 14.11 9.17 8.53
N THR A 644 13.99 7.87 8.45
CA THR A 644 14.72 7.20 7.44
C THR A 644 14.38 7.70 6.08
N LEU A 645 13.11 7.73 5.78
CA LEU A 645 12.74 8.18 4.44
C LEU A 645 13.31 9.49 4.06
N GLU A 646 13.40 10.29 5.08
CA GLU A 646 13.85 11.66 4.94
C GLU A 646 15.28 11.72 4.44
N THR A 647 16.03 10.65 4.75
CA THR A 647 17.38 10.57 4.27
C THR A 647 17.48 9.93 2.87
N THR A 648 16.36 9.61 2.18
CA THR A 648 16.53 8.96 0.90
C THR A 648 16.08 9.80 -0.23
N ASN A 649 16.35 9.32 -1.45
CA ASN A 649 15.79 9.92 -2.63
C ASN A 649 14.55 9.02 -2.90
N PRO A 650 13.31 9.54 -2.81
CA PRO A 650 12.14 8.70 -2.90
C PRO A 650 11.51 8.54 -4.26
N HIS A 651 10.82 7.40 -4.40
CA HIS A 651 10.16 7.04 -5.63
C HIS A 651 8.78 6.54 -5.23
N PHE A 652 7.78 7.07 -5.93
CA PHE A 652 6.39 6.83 -5.61
C PHE A 652 5.67 5.95 -6.58
N VAL A 653 5.07 4.89 -6.09
CA VAL A 653 4.25 4.04 -6.93
C VAL A 653 2.80 3.96 -6.34
N ARG A 654 1.83 4.38 -7.16
CA ARG A 654 0.41 4.33 -6.86
C ARG A 654 -0.23 3.12 -7.57
N CYS A 655 -0.45 2.08 -6.83
CA CYS A 655 -1.13 0.85 -7.27
C CYS A 655 -2.63 1.09 -7.13
N ILE A 656 -3.35 0.89 -8.26
CA ILE A 656 -4.81 1.10 -8.44
C ILE A 656 -5.57 -0.18 -8.72
N ILE A 657 -6.62 -0.42 -7.98
CA ILE A 657 -7.49 -1.57 -8.22
C ILE A 657 -8.52 -1.10 -9.33
N PRO A 658 -8.71 -1.91 -10.41
CA PRO A 658 -9.60 -1.44 -11.47
C PRO A 658 -11.15 -1.52 -11.17
N ASN A 659 -11.57 -2.42 -10.29
CA ASN A 659 -12.92 -2.74 -9.86
C ASN A 659 -12.84 -3.45 -8.52
N ASN A 660 -14.00 -3.86 -7.97
CA ASN A 660 -14.10 -4.56 -6.68
C ASN A 660 -14.47 -6.02 -6.85
N LYS A 661 -14.33 -6.46 -8.06
CA LYS A 661 -14.67 -7.83 -8.34
C LYS A 661 -13.52 -8.75 -8.72
N GLN A 662 -12.26 -8.27 -8.72
CA GLN A 662 -11.12 -9.16 -9.04
C GLN A 662 -11.17 -9.68 -10.49
N LEU A 663 -11.72 -8.83 -11.36
CA LEU A 663 -11.89 -9.15 -12.77
C LEU A 663 -10.99 -8.30 -13.70
N PRO A 664 -10.47 -8.98 -14.82
CA PRO A 664 -9.65 -8.33 -15.85
C PRO A 664 -10.55 -7.62 -16.84
N ALA A 665 -9.99 -6.75 -17.66
CA ALA A 665 -10.77 -6.10 -18.70
C ALA A 665 -12.01 -5.40 -18.11
N LYS A 666 -11.96 -4.98 -16.83
CA LYS A 666 -13.14 -4.29 -16.25
C LYS A 666 -12.73 -3.06 -15.38
N LEU A 667 -12.36 -1.97 -16.06
CA LEU A 667 -11.88 -0.70 -15.48
C LEU A 667 -13.05 0.26 -15.25
N GLU A 668 -13.45 0.35 -13.96
CA GLU A 668 -14.59 1.16 -13.53
C GLU A 668 -14.18 2.54 -13.10
N ASP A 669 -14.60 3.50 -13.88
CA ASP A 669 -14.31 4.88 -13.66
C ASP A 669 -14.54 5.35 -12.23
N LYS A 670 -15.66 4.97 -11.62
CA LYS A 670 -16.00 5.39 -10.27
C LYS A 670 -14.97 4.81 -9.29
N VAL A 671 -14.72 3.49 -9.41
CA VAL A 671 -13.73 2.81 -8.58
C VAL A 671 -12.36 3.50 -8.76
N VAL A 672 -11.99 3.69 -9.99
CA VAL A 672 -10.71 4.28 -10.34
C VAL A 672 -10.53 5.71 -9.89
N LEU A 673 -11.47 6.57 -10.22
CA LEU A 673 -11.42 8.00 -9.95
C LEU A 673 -11.31 8.31 -8.48
N ASP A 674 -11.99 7.47 -7.77
CA ASP A 674 -11.93 7.67 -6.36
C ASP A 674 -10.54 7.45 -5.83
N GLN A 675 -9.84 6.39 -6.28
CA GLN A 675 -8.45 6.15 -5.89
C GLN A 675 -7.49 7.29 -6.30
N LEU A 676 -7.73 7.88 -7.47
CA LEU A 676 -6.86 8.95 -8.00
C LEU A 676 -7.12 10.22 -7.24
N ARG A 677 -8.31 10.26 -6.67
CA ARG A 677 -8.61 11.42 -5.86
C ARG A 677 -7.87 11.29 -4.50
N CYS A 678 -7.96 10.10 -3.88
CA CYS A 678 -7.36 9.84 -2.55
C CYS A 678 -5.89 9.75 -2.44
N ASN A 679 -5.23 9.25 -3.50
CA ASN A 679 -3.84 8.90 -3.57
C ASN A 679 -2.84 9.99 -3.95
N GLY A 680 -3.39 11.18 -4.16
CA GLY A 680 -2.55 12.30 -4.51
C GLY A 680 -2.29 12.46 -6.01
N VAL A 681 -2.73 11.50 -6.87
CA VAL A 681 -2.49 11.62 -8.29
C VAL A 681 -3.16 12.83 -8.95
N LEU A 682 -4.45 12.96 -8.75
CA LEU A 682 -5.21 14.10 -9.34
C LEU A 682 -4.80 15.46 -8.78
N GLU A 683 -4.45 15.49 -7.46
CA GLU A 683 -4.00 16.73 -6.81
C GLU A 683 -2.69 17.17 -7.45
N GLY A 684 -1.79 16.20 -7.62
CA GLY A 684 -0.53 16.50 -8.19
C GLY A 684 -0.76 17.15 -9.52
N ILE A 685 -1.75 16.65 -10.20
CA ILE A 685 -1.99 17.21 -11.51
C ILE A 685 -2.68 18.55 -11.45
N ARG A 686 -3.70 18.67 -10.62
CA ARG A 686 -4.36 19.93 -10.53
C ARG A 686 -3.30 21.03 -10.24
N ILE A 687 -2.37 20.77 -9.32
CA ILE A 687 -1.30 21.74 -9.04
C ILE A 687 -0.42 22.06 -10.24
N THR A 688 0.10 21.00 -10.73
CA THR A 688 0.91 21.06 -11.87
C THR A 688 0.18 21.79 -13.04
N ARG A 689 -1.11 21.46 -13.24
CA ARG A 689 -1.96 22.09 -14.28
C ARG A 689 -1.88 23.63 -14.20
N LYS A 690 -2.00 24.20 -13.00
CA LYS A 690 -1.92 25.66 -12.83
C LYS A 690 -0.64 26.35 -13.41
N GLY A 691 0.49 25.65 -13.53
CA GLY A 691 1.73 26.26 -14.03
C GLY A 691 2.09 26.09 -15.53
N PHE A 692 3.15 25.33 -15.78
CA PHE A 692 3.66 25.04 -17.11
C PHE A 692 3.92 23.56 -17.11
N PRO A 693 2.79 22.83 -17.29
CA PRO A 693 2.70 21.36 -17.32
C PRO A 693 3.48 20.60 -18.40
N ASN A 694 3.53 21.17 -19.62
CA ASN A 694 4.20 20.62 -20.77
C ASN A 694 5.51 21.33 -20.96
N ARG A 695 6.52 20.52 -20.89
CA ARG A 695 7.91 20.93 -20.96
C ARG A 695 8.60 20.02 -21.96
N ILE A 696 8.74 20.52 -23.19
CA ILE A 696 9.29 19.81 -24.32
C ILE A 696 10.70 20.30 -24.69
N ILE A 697 11.48 19.32 -25.15
CA ILE A 697 12.83 19.47 -25.68
C ILE A 697 12.68 20.19 -27.04
N TYR A 698 13.47 21.25 -27.27
CA TYR A 698 13.39 22.05 -28.51
C TYR A 698 13.32 21.23 -29.80
N ALA A 699 14.31 20.34 -29.93
CA ALA A 699 14.47 19.46 -31.07
C ALA A 699 13.21 18.61 -31.31
N ASP A 700 12.70 18.10 -30.18
CA ASP A 700 11.50 17.28 -30.08
C ASP A 700 10.30 18.04 -30.63
N PHE A 701 10.16 19.26 -30.16
CA PHE A 701 9.08 20.14 -30.60
C PHE A 701 9.08 20.33 -32.13
N VAL A 702 10.23 20.78 -32.62
CA VAL A 702 10.46 21.05 -34.02
C VAL A 702 10.27 19.86 -34.91
N LYS A 703 10.86 18.73 -34.53
CA LYS A 703 10.69 17.60 -35.41
C LYS A 703 9.22 17.28 -35.74
N ARG A 704 8.27 17.58 -34.81
CA ARG A 704 6.86 17.29 -35.04
C ARG A 704 6.06 18.44 -35.57
N TYR A 705 6.57 19.63 -35.42
CA TYR A 705 5.76 20.75 -35.85
C TYR A 705 6.36 21.67 -36.91
N TYR A 706 7.62 21.44 -37.30
CA TYR A 706 8.32 22.27 -38.28
C TYR A 706 7.42 22.70 -39.45
N ASP A 707 6.67 21.71 -39.91
CA ASP A 707 5.71 21.80 -41.00
C ASP A 707 4.65 22.88 -40.81
N LEU A 708 4.41 23.29 -39.53
CA LEU A 708 3.41 24.29 -39.15
C LEU A 708 3.87 25.68 -39.54
N ALA A 709 5.19 25.86 -39.60
CA ALA A 709 5.72 27.14 -40.02
C ALA A 709 6.46 27.03 -41.32
N PRO A 710 6.62 28.21 -41.86
CA PRO A 710 7.32 28.40 -43.09
C PRO A 710 8.80 28.61 -42.76
N ASN A 711 9.55 27.74 -43.43
CA ASN A 711 10.99 27.66 -43.40
C ASN A 711 11.65 26.84 -42.32
N VAL A 712 10.88 25.93 -41.67
CA VAL A 712 11.44 25.09 -40.63
C VAL A 712 11.67 23.64 -41.02
N PRO A 713 12.94 23.26 -41.07
CA PRO A 713 13.30 21.90 -41.39
C PRO A 713 13.19 21.12 -40.09
N ARG A 714 12.70 19.87 -40.21
CA ARG A 714 12.47 19.00 -39.06
C ARG A 714 13.67 19.03 -38.16
N ASP A 715 14.79 18.83 -38.87
CA ASP A 715 16.13 18.81 -38.35
C ASP A 715 16.75 20.18 -38.58
N ALA A 716 16.82 20.96 -37.49
CA ALA A 716 17.37 22.30 -37.44
C ALA A 716 18.46 22.34 -36.39
N GLU A 717 19.59 22.98 -36.64
CA GLU A 717 20.56 22.95 -35.58
C GLU A 717 20.15 23.88 -34.44
N ASP A 718 19.46 24.96 -34.80
CA ASP A 718 19.01 25.88 -33.79
C ASP A 718 17.55 25.69 -33.42
N SER A 719 17.33 24.61 -32.66
CA SER A 719 16.03 24.14 -32.18
C SER A 719 15.23 25.22 -31.47
N GLN A 720 15.91 25.90 -30.59
CA GLN A 720 15.26 26.97 -29.88
C GLN A 720 14.74 28.07 -30.81
N LYS A 721 15.59 28.50 -31.76
CA LYS A 721 15.20 29.53 -32.72
C LYS A 721 14.04 28.99 -33.50
N ALA A 722 14.24 27.79 -34.02
CA ALA A 722 13.21 27.10 -34.76
C ALA A 722 11.87 27.12 -34.01
N THR A 723 11.87 26.80 -32.68
CA THR A 723 10.66 26.76 -31.84
C THR A 723 9.86 28.09 -31.81
N ASP A 724 10.60 29.18 -31.86
CA ASP A 724 10.16 30.58 -31.86
C ASP A 724 9.47 30.96 -33.17
N ALA A 725 9.91 30.28 -34.23
CA ALA A 725 9.40 30.49 -35.58
C ALA A 725 8.02 29.95 -35.69
N VAL A 726 7.90 28.71 -35.22
CA VAL A 726 6.64 28.05 -35.23
C VAL A 726 5.71 28.90 -34.42
N LEU A 727 6.17 29.19 -33.18
CA LEU A 727 5.40 29.97 -32.22
C LEU A 727 4.95 31.27 -32.81
N LYS A 728 5.93 31.98 -33.29
CA LYS A 728 5.67 33.22 -33.91
C LYS A 728 4.82 32.97 -35.16
N HIS A 729 5.25 32.04 -36.04
CA HIS A 729 4.46 31.74 -37.22
C HIS A 729 2.98 31.58 -36.87
N LEU A 730 2.79 30.81 -35.80
CA LEU A 730 1.48 30.54 -35.24
C LEU A 730 0.94 31.76 -34.51
N ASN A 731 1.83 32.63 -34.04
CA ASN A 731 1.41 33.81 -33.30
C ASN A 731 0.88 33.37 -31.91
N ILE A 732 1.49 32.36 -31.33
CA ILE A 732 0.99 31.96 -30.03
C ILE A 732 1.18 33.07 -29.03
N ASP A 733 0.28 33.11 -28.04
CA ASP A 733 0.37 34.07 -26.96
C ASP A 733 1.56 33.66 -26.09
N PRO A 734 2.58 34.55 -26.08
CA PRO A 734 3.84 34.41 -25.34
C PRO A 734 3.67 34.15 -23.85
N GLU A 735 2.52 34.55 -23.29
CA GLU A 735 2.22 34.30 -21.87
C GLU A 735 2.00 32.82 -21.70
N GLN A 736 1.51 32.18 -22.78
CA GLN A 736 1.22 30.74 -22.76
C GLN A 736 2.40 29.80 -22.80
N PHE A 737 3.57 30.30 -23.15
CA PHE A 737 4.75 29.44 -23.29
C PHE A 737 5.98 29.98 -22.56
N ARG A 738 7.02 29.14 -22.31
CA ARG A 738 8.17 29.68 -21.62
C ARG A 738 9.47 29.09 -22.03
N PHE A 739 10.31 29.91 -22.68
CA PHE A 739 11.60 29.47 -23.14
C PHE A 739 12.55 29.03 -22.04
N GLY A 740 12.78 27.74 -21.98
CA GLY A 740 13.69 27.32 -20.96
C GLY A 740 15.01 27.07 -21.60
N ILE A 741 16.02 27.01 -20.80
CA ILE A 741 17.35 26.71 -21.27
C ILE A 741 17.44 25.49 -22.18
N THR A 742 16.44 24.64 -22.16
CA THR A 742 16.54 23.45 -22.99
C THR A 742 15.19 22.95 -23.45
N LYS A 743 14.15 23.42 -22.79
CA LYS A 743 12.82 23.03 -23.16
C LYS A 743 12.01 24.27 -23.22
N ILE A 744 10.95 24.06 -23.96
CA ILE A 744 9.91 25.05 -24.10
C ILE A 744 8.85 24.63 -23.09
N PHE A 745 8.39 25.55 -22.22
CA PHE A 745 7.37 25.23 -21.21
C PHE A 745 6.07 25.75 -21.70
N PHE A 746 5.03 24.93 -21.61
CA PHE A 746 3.69 25.32 -22.11
C PHE A 746 2.66 25.12 -21.11
N ARG A 747 1.86 26.18 -20.95
CA ARG A 747 0.71 26.12 -20.11
C ARG A 747 -0.30 25.12 -20.71
N ALA A 748 -1.27 24.81 -19.85
CA ALA A 748 -2.35 23.87 -20.12
C ALA A 748 -3.14 24.30 -21.34
N GLY A 749 -3.44 23.37 -22.25
CA GLY A 749 -4.21 23.67 -23.45
C GLY A 749 -3.41 24.16 -24.65
N GLN A 750 -2.31 24.85 -24.37
CA GLN A 750 -1.47 25.43 -25.40
C GLN A 750 -1.05 24.45 -26.53
N LEU A 751 -0.32 23.42 -26.13
CA LEU A 751 0.23 22.43 -27.00
C LEU A 751 -0.90 21.74 -27.79
N ALA A 752 -2.09 21.70 -27.18
CA ALA A 752 -3.26 21.05 -27.78
C ALA A 752 -3.69 21.83 -29.00
N ARG A 753 -3.79 23.13 -28.78
CA ARG A 753 -4.19 24.06 -29.80
C ARG A 753 -3.27 24.00 -30.94
N ILE A 754 -2.02 23.95 -30.52
CA ILE A 754 -0.93 23.87 -31.43
C ILE A 754 -1.01 22.60 -32.26
N GLU A 755 -1.15 21.54 -31.52
CA GLU A 755 -1.27 20.26 -32.11
C GLU A 755 -2.42 20.28 -33.09
N GLU A 756 -3.42 21.10 -32.74
CA GLU A 756 -4.64 21.32 -33.53
C GLU A 756 -4.46 22.21 -34.79
N ALA A 757 -3.27 22.80 -35.01
CA ALA A 757 -2.95 23.68 -36.15
C ALA A 757 -2.69 22.99 -37.50
N ARG A 758 -2.88 23.79 -38.59
CA ARG A 758 -2.72 23.37 -40.00
C ARG A 758 -1.27 23.34 -40.53
N GLU A 759 -0.91 22.27 -41.24
CA GLU A 759 0.42 22.15 -41.83
C GLU A 759 0.51 22.86 -43.20
MG MG B . -0.15 -7.00 -0.15
PG ANP C . -3.29 -6.19 0.15
O1G ANP C . -3.39 -4.76 0.61
O2G ANP C . -4.45 -7.04 0.62
O3G ANP C . -2.03 -6.94 0.75
PB ANP C . -2.04 -5.77 -2.56
O1B ANP C . -2.05 -4.36 -2.89
O2B ANP C . -0.72 -6.18 -1.92
N3B ANP C . -3.27 -6.16 -1.49
PA ANP C . -1.47 -7.87 -4.54
O1A ANP C . -0.07 -7.30 -4.97
O2A ANP C . -1.40 -9.02 -3.61
O3A ANP C . -2.30 -6.66 -3.89
O5' ANP C . -2.27 -8.30 -5.88
C5' ANP C . -3.57 -8.91 -5.71
C4' ANP C . -3.78 -9.94 -6.82
O4' ANP C . -3.85 -9.22 -8.07
C3' ANP C . -2.55 -10.80 -7.03
O3' ANP C . -2.57 -11.89 -6.14
C2' ANP C . -2.74 -11.14 -8.45
O2' ANP C . -3.95 -11.94 -8.52
C1' ANP C . -3.06 -9.81 -9.00
N9 ANP C . -1.96 -8.97 -9.40
C8 ANP C . -1.48 -7.86 -8.86
N7 ANP C . -0.66 -7.21 -9.68
C5 ANP C . -0.55 -8.01 -10.78
C6 ANP C . 0.25 -7.92 -11.98
N6 ANP C . 1.02 -7.01 -12.39
N1 ANP C . 0.00 -8.96 -12.80
C2 ANP C . -0.83 -10.01 -12.53
N3 ANP C . -1.52 -10.12 -11.44
C4 ANP C . -1.32 -9.12 -10.59
#